data_4R5H
#
_entry.id   4R5H
#
_cell.length_a   59.620
_cell.length_b   97.565
_cell.length_c   64.555
_cell.angle_alpha   90.00
_cell.angle_beta   100.39
_cell.angle_gamma   90.00
#
_symmetry.space_group_name_H-M   'P 1 21 1'
#
loop_
_entity.id
_entity.type
_entity.pdbx_description
1 polymer 'Aspartate-semialdehyde dehydrogenase'
2 non-polymer 1,2-ETHANEDIOL
3 non-polymer 'SODIUM ION'
4 non-polymer '3-[(1E)-3-carboxyprop-1-en-1-yl]benzene-1,2-dicarboxylic acid'
5 non-polymer 'NADP NICOTINAMIDE-ADENINE-DINUCLEOTIDE PHOSPHATE'
6 water water
#
_entity_poly.entity_id   1
_entity_poly.type   'polypeptide(L)'
_entity_poly.pdbx_seq_one_letter_code
;MGYTVAVVGATGAVGAQMIKMLEESTLPIDKIRYLASARSAGKSLKFKDQDITIEETTETAFEGVDIALFSAGSSTSAKY
APYAVKAGVVVVDNTSYFRQNPDVPLVVPEVNAHALDAHNGIIACPNCSTIQMMVALEPVRQKWGLDRIIVSTYQAVSGA
GMGAILETQRELREVLNDGVKPCDLHAEILPSGGDKKHYPIAFNALPQIDVFTDNDYTYEEMKMTKETKKIMEDDSIAVS
ATCVRIPVLSAHSESVYIETKEVAPIEEVKAAIAAFPGAVLEDDVAHQIYPQAINAVGSRDTFVGRIRKDLDAEKGIHMW
VVSDNLLKGAAWNSVQIAETLHERGLVRPTAELKFELKLEHHHHHH
;
_entity_poly.pdbx_strand_id   A,B
#
# COMPACT_ATOMS: atom_id res chain seq x y z
N GLY A 2 -20.29 -39.94 8.44
CA GLY A 2 -19.30 -38.85 8.23
C GLY A 2 -18.67 -38.93 6.85
N TYR A 3 -17.89 -37.91 6.54
CA TYR A 3 -17.30 -37.77 5.23
C TYR A 3 -15.84 -38.22 5.20
N THR A 4 -15.43 -38.63 4.00
CA THR A 4 -14.02 -38.77 3.68
C THR A 4 -13.59 -37.49 3.02
N VAL A 5 -12.64 -36.77 3.63
CA VAL A 5 -12.16 -35.51 3.06
C VAL A 5 -10.71 -35.59 2.57
N ALA A 6 -10.47 -35.10 1.36
CA ALA A 6 -9.11 -35.03 0.83
C ALA A 6 -8.71 -33.58 0.76
N VAL A 7 -7.54 -33.25 1.29
CA VAL A 7 -6.90 -31.94 1.08
C VAL A 7 -5.78 -32.10 0.06
N VAL A 8 -5.92 -31.43 -1.09
CA VAL A 8 -4.96 -31.52 -2.17
C VAL A 8 -4.10 -30.25 -2.12
N GLY A 9 -2.81 -30.44 -1.88
CA GLY A 9 -1.90 -29.34 -1.53
C GLY A 9 -1.84 -29.12 -0.04
N ALA A 10 -1.79 -30.21 0.73
CA ALA A 10 -1.81 -30.16 2.19
C ALA A 10 -0.56 -29.55 2.85
N THR A 11 0.55 -29.60 2.13
CA THR A 11 1.85 -29.26 2.68
C THR A 11 2.26 -27.81 2.49
N GLY A 12 1.48 -27.03 1.74
CA GLY A 12 1.86 -25.66 1.41
C GLY A 12 1.25 -24.66 2.37
N ALA A 13 1.34 -23.38 2.03
CA ALA A 13 0.93 -22.29 2.92
C ALA A 13 -0.59 -22.36 3.20
N VAL A 14 -1.37 -22.53 2.13
CA VAL A 14 -2.82 -22.63 2.25
C VAL A 14 -3.15 -23.95 2.93
N GLY A 15 -2.48 -25.01 2.54
CA GLY A 15 -2.79 -26.34 3.03
C GLY A 15 -2.71 -26.49 4.53
N ALA A 16 -1.74 -25.79 5.11
CA ALA A 16 -1.53 -25.87 6.54
C ALA A 16 -2.72 -25.23 7.26
N GLN A 17 -3.26 -24.17 6.67
CA GLN A 17 -4.50 -23.54 7.19
C GLN A 17 -5.78 -24.32 6.89
N MET A 18 -5.80 -25.03 5.78
CA MET A 18 -6.92 -25.94 5.47
CA MET A 18 -6.90 -25.96 5.48
C MET A 18 -7.04 -26.99 6.58
N ILE A 19 -5.89 -27.52 6.98
CA ILE A 19 -5.82 -28.51 8.01
C ILE A 19 -6.33 -27.90 9.30
N LYS A 20 -5.86 -26.70 9.67
CA LYS A 20 -6.33 -26.07 10.89
C LYS A 20 -7.84 -25.77 10.86
N MET A 21 -8.29 -25.26 9.76
CA MET A 21 -9.73 -24.95 9.60
C MET A 21 -10.60 -26.22 9.65
N LEU A 22 -10.11 -27.34 9.14
CA LEU A 22 -10.86 -28.61 9.21
C LEU A 22 -10.83 -29.19 10.62
N GLU A 23 -9.70 -29.07 11.29
CA GLU A 23 -9.60 -29.50 12.68
C GLU A 23 -10.63 -28.76 13.53
N GLU A 24 -10.88 -27.52 13.21
CA GLU A 24 -11.83 -26.62 13.93
C GLU A 24 -13.24 -26.58 13.38
N SER A 25 -13.53 -27.48 12.44
CA SER A 25 -14.78 -27.46 11.71
C SER A 25 -15.80 -28.35 12.39
N THR A 26 -17.05 -28.08 12.09
CA THR A 26 -18.15 -28.92 12.50
C THR A 26 -18.39 -30.10 11.56
N LEU A 27 -17.81 -30.09 10.35
CA LEU A 27 -18.01 -31.20 9.39
C LEU A 27 -17.81 -32.56 10.09
N PRO A 28 -18.72 -33.52 9.85
CA PRO A 28 -18.50 -34.85 10.39
C PRO A 28 -17.49 -35.55 9.51
N ILE A 29 -16.28 -35.74 10.00
CA ILE A 29 -15.18 -36.27 9.18
C ILE A 29 -14.83 -37.64 9.75
N ASP A 30 -15.02 -38.68 8.95
CA ASP A 30 -14.67 -40.06 9.32
C ASP A 30 -13.23 -40.40 8.91
N LYS A 31 -12.74 -39.78 7.84
CA LYS A 31 -11.43 -40.08 7.31
C LYS A 31 -10.84 -38.87 6.61
N ILE A 32 -9.57 -38.59 6.93
CA ILE A 32 -8.82 -37.52 6.27
C ILE A 32 -7.71 -38.10 5.39
N ARG A 33 -7.54 -37.52 4.20
CA ARG A 33 -6.44 -37.89 3.30
C ARG A 33 -5.70 -36.62 2.84
N TYR A 34 -4.38 -36.66 2.94
CA TYR A 34 -3.55 -35.55 2.50
C TYR A 34 -2.85 -35.83 1.14
N LEU A 35 -3.13 -35.01 0.14
CA LEU A 35 -2.54 -35.18 -1.19
C LEU A 35 -1.60 -34.02 -1.53
N ALA A 36 -0.53 -34.31 -2.25
CA ALA A 36 0.42 -33.27 -2.67
C ALA A 36 1.12 -33.71 -3.96
N SER A 37 2.36 -33.25 -4.17
CA SER A 37 3.12 -33.65 -5.37
C SER A 37 4.03 -34.81 -5.03
N ALA A 38 4.70 -35.32 -6.07
CA ALA A 38 5.80 -36.27 -5.90
C ALA A 38 6.79 -35.85 -4.80
N ARG A 39 7.14 -34.58 -4.76
CA ARG A 39 8.12 -34.07 -3.78
C ARG A 39 7.77 -34.45 -2.33
N SER A 40 6.50 -34.32 -1.95
CA SER A 40 6.09 -34.60 -0.58
C SER A 40 5.52 -36.01 -0.37
N ALA A 41 5.16 -36.68 -1.46
CA ALA A 41 4.54 -38.00 -1.35
C ALA A 41 5.40 -38.86 -0.44
N GLY A 42 4.78 -39.44 0.60
CA GLY A 42 5.49 -40.35 1.50
C GLY A 42 5.79 -39.74 2.85
N LYS A 43 5.94 -38.42 2.91
CA LYS A 43 6.12 -37.77 4.21
C LYS A 43 4.83 -37.89 5.08
N SER A 44 4.95 -37.50 6.35
CA SER A 44 3.84 -37.57 7.30
C SER A 44 3.47 -36.20 7.85
N LEU A 45 2.19 -36.03 8.20
CA LEU A 45 1.67 -34.76 8.73
C LEU A 45 0.49 -35.06 9.64
N LYS A 46 0.29 -34.28 10.70
CA LYS A 46 -0.83 -34.52 11.64
C LYS A 46 -2.22 -34.05 11.13
N PHE A 47 -3.24 -34.85 11.42
CA PHE A 47 -4.59 -34.32 11.61
C PHE A 47 -4.92 -34.54 13.08
N LYS A 48 -5.04 -33.44 13.82
CA LYS A 48 -5.24 -33.50 15.27
C LYS A 48 -4.08 -34.32 15.87
N ASP A 49 -4.37 -35.51 16.40
CA ASP A 49 -3.31 -36.36 16.99
C ASP A 49 -2.90 -37.53 16.08
N GLN A 50 -3.57 -37.68 14.93
CA GLN A 50 -3.34 -38.81 14.05
C GLN A 50 -2.28 -38.45 13.00
N ASP A 51 -1.42 -39.42 12.66
CA ASP A 51 -0.43 -39.24 11.61
C ASP A 51 -1.07 -39.61 10.28
N ILE A 52 -0.97 -38.73 9.30
CA ILE A 52 -1.50 -39.00 7.97
C ILE A 52 -0.34 -38.98 6.97
N THR A 53 -0.29 -40.00 6.11
CA THR A 53 0.77 -40.11 5.10
C THR A 53 0.37 -39.42 3.81
N ILE A 54 1.20 -38.51 3.37
CA ILE A 54 0.91 -37.72 2.20
C ILE A 54 1.04 -38.56 0.92
N GLU A 55 0.05 -38.42 0.03
CA GLU A 55 -0.02 -39.19 -1.19
C GLU A 55 0.22 -38.29 -2.38
N GLU A 56 0.89 -38.82 -3.41
CA GLU A 56 1.00 -38.08 -4.66
C GLU A 56 -0.39 -37.98 -5.26
N THR A 57 -0.71 -36.81 -5.81
CA THR A 57 -1.98 -36.62 -6.48
C THR A 57 -1.96 -37.30 -7.84
N THR A 58 -3.00 -38.11 -8.08
CA THR A 58 -3.15 -38.86 -9.33
C THR A 58 -4.61 -38.91 -9.79
N GLU A 59 -4.80 -39.40 -11.01
CA GLU A 59 -6.14 -39.57 -11.58
C GLU A 59 -7.03 -40.51 -10.77
N THR A 60 -6.42 -41.42 -10.01
CA THR A 60 -7.11 -42.49 -9.31
C THR A 60 -7.03 -42.39 -7.78
N ALA A 61 -6.61 -41.23 -7.27
CA ALA A 61 -6.48 -41.09 -5.84
C ALA A 61 -7.82 -40.79 -5.12
N PHE A 62 -8.91 -40.54 -5.86
CA PHE A 62 -10.12 -39.95 -5.28
C PHE A 62 -11.26 -40.94 -4.97
N GLU A 63 -10.98 -42.23 -5.10
CA GLU A 63 -11.99 -43.26 -4.84
C GLU A 63 -12.42 -43.23 -3.38
N GLY A 64 -13.72 -43.17 -3.14
CA GLY A 64 -14.25 -43.11 -1.77
C GLY A 64 -14.23 -41.74 -1.12
N VAL A 65 -13.76 -40.71 -1.84
CA VAL A 65 -13.72 -39.35 -1.30
C VAL A 65 -15.04 -38.63 -1.56
N ASP A 66 -15.55 -38.00 -0.50
CA ASP A 66 -16.78 -37.22 -0.58
C ASP A 66 -16.51 -35.78 -0.97
N ILE A 67 -15.49 -35.21 -0.32
CA ILE A 67 -15.14 -33.82 -0.49
C ILE A 67 -13.64 -33.69 -0.68
N ALA A 68 -13.23 -32.94 -1.70
CA ALA A 68 -11.82 -32.65 -1.85
C ALA A 68 -11.62 -31.15 -1.90
N LEU A 69 -10.69 -30.68 -1.08
CA LEU A 69 -10.34 -29.26 -1.07
C LEU A 69 -9.01 -29.11 -1.80
N PHE A 70 -9.04 -28.44 -2.96
CA PHE A 70 -7.85 -28.25 -3.77
C PHE A 70 -7.18 -26.91 -3.48
N SER A 71 -5.94 -26.95 -3.02
CA SER A 71 -5.12 -25.76 -2.96
C SER A 71 -3.69 -26.06 -3.39
N ALA A 72 -3.54 -26.49 -4.64
CA ALA A 72 -2.23 -26.98 -5.12
C ALA A 72 -1.78 -26.35 -6.42
N GLY A 73 -2.46 -25.29 -6.84
CA GLY A 73 -2.08 -24.56 -8.05
C GLY A 73 -2.98 -24.91 -9.21
N SER A 74 -3.14 -23.95 -10.13
CA SER A 74 -4.07 -24.01 -11.26
C SER A 74 -3.96 -25.26 -12.12
N SER A 75 -2.72 -25.61 -12.43
CA SER A 75 -2.39 -26.78 -13.26
C SER A 75 -2.87 -28.07 -12.64
N THR A 76 -2.62 -28.23 -11.34
CA THR A 76 -3.13 -29.39 -10.58
C THR A 76 -4.65 -29.49 -10.50
N SER A 77 -5.34 -28.39 -10.23
CA SER A 77 -6.80 -28.40 -10.30
C SER A 77 -7.29 -28.75 -11.72
N ALA A 78 -6.71 -28.09 -12.72
CA ALA A 78 -7.05 -28.34 -14.14
C ALA A 78 -6.96 -29.83 -14.51
N LYS A 79 -5.91 -30.45 -13.99
CA LYS A 79 -5.57 -31.84 -14.29
C LYS A 79 -6.39 -32.86 -13.51
N TYR A 80 -6.53 -32.67 -12.21
CA TYR A 80 -7.10 -33.72 -11.37
C TYR A 80 -8.51 -33.46 -10.85
N ALA A 81 -8.93 -32.21 -10.77
CA ALA A 81 -10.26 -31.91 -10.24
C ALA A 81 -11.36 -32.60 -11.08
N PRO A 82 -11.24 -32.60 -12.44
CA PRO A 82 -12.28 -33.30 -13.18
C PRO A 82 -12.32 -34.81 -12.93
N TYR A 83 -11.17 -35.41 -12.64
CA TYR A 83 -11.14 -36.85 -12.29
C TYR A 83 -11.73 -37.11 -10.91
N ALA A 84 -11.64 -36.13 -10.04
CA ALA A 84 -12.34 -36.21 -8.74
C ALA A 84 -13.86 -36.13 -8.97
N VAL A 85 -14.30 -35.24 -9.86
CA VAL A 85 -15.73 -35.12 -10.16
C VAL A 85 -16.26 -36.41 -10.78
N LYS A 86 -15.48 -37.01 -11.67
CA LYS A 86 -15.87 -38.27 -12.30
C LYS A 86 -16.00 -39.42 -11.30
N ALA A 87 -15.14 -39.43 -10.29
CA ALA A 87 -15.16 -40.42 -9.21
C ALA A 87 -16.23 -40.18 -8.11
N GLY A 88 -16.93 -39.07 -8.19
CA GLY A 88 -18.06 -38.82 -7.31
C GLY A 88 -17.87 -37.76 -6.25
N VAL A 89 -16.73 -37.07 -6.29
CA VAL A 89 -16.37 -36.09 -5.26
C VAL A 89 -17.07 -34.75 -5.51
N VAL A 90 -17.23 -33.95 -4.46
CA VAL A 90 -17.51 -32.54 -4.64
C VAL A 90 -16.21 -31.81 -4.35
N VAL A 91 -15.79 -30.96 -5.28
CA VAL A 91 -14.50 -30.30 -5.17
C VAL A 91 -14.70 -28.84 -4.77
N VAL A 92 -13.88 -28.36 -3.85
CA VAL A 92 -13.88 -26.92 -3.54
C VAL A 92 -12.50 -26.49 -3.97
N ASP A 93 -12.43 -25.61 -4.97
CA ASP A 93 -11.15 -25.30 -5.60
C ASP A 93 -10.69 -23.87 -5.29
N ASN A 94 -9.51 -23.79 -4.71
CA ASN A 94 -8.91 -22.51 -4.33
C ASN A 94 -8.31 -21.71 -5.50
N THR A 95 -7.97 -22.40 -6.57
CA THR A 95 -7.22 -21.80 -7.69
C THR A 95 -8.08 -20.96 -8.62
N SER A 96 -7.43 -20.23 -9.53
CA SER A 96 -8.13 -19.44 -10.53
C SER A 96 -8.77 -20.25 -11.65
N TYR A 97 -8.43 -21.53 -11.75
CA TYR A 97 -8.65 -22.25 -13.02
C TYR A 97 -10.10 -22.30 -13.46
N PHE A 98 -11.00 -22.60 -12.52
CA PHE A 98 -12.44 -22.80 -12.85
C PHE A 98 -13.32 -21.59 -12.51
N ARG A 99 -12.72 -20.50 -12.03
CA ARG A 99 -13.52 -19.42 -11.48
C ARG A 99 -14.47 -18.79 -12.47
N GLN A 100 -14.04 -18.68 -13.73
CA GLN A 100 -14.82 -18.00 -14.74
C GLN A 100 -15.59 -18.98 -15.61
N ASN A 101 -15.76 -20.21 -15.12
CA ASN A 101 -16.48 -21.24 -15.87
C ASN A 101 -17.96 -21.18 -15.55
N PRO A 102 -18.82 -21.09 -16.58
CA PRO A 102 -20.23 -20.85 -16.35
C PRO A 102 -20.92 -22.02 -15.64
N ASP A 103 -20.29 -23.20 -15.71
CA ASP A 103 -20.73 -24.40 -14.98
C ASP A 103 -20.21 -24.49 -13.54
N VAL A 104 -19.51 -23.45 -13.07
CA VAL A 104 -18.91 -23.44 -11.74
C VAL A 104 -19.36 -22.24 -10.89
N PRO A 105 -19.99 -22.49 -9.73
CA PRO A 105 -20.34 -21.40 -8.81
C PRO A 105 -19.04 -20.81 -8.23
N LEU A 106 -18.90 -19.50 -8.28
CA LEU A 106 -17.78 -18.77 -7.64
C LEU A 106 -18.30 -18.13 -6.36
N VAL A 107 -18.02 -18.75 -5.20
CA VAL A 107 -18.79 -18.48 -3.98
C VAL A 107 -18.02 -17.87 -2.80
N VAL A 108 -18.66 -16.85 -2.21
CA VAL A 108 -18.39 -16.36 -0.89
C VAL A 108 -19.70 -16.56 -0.14
N PRO A 109 -19.74 -17.48 0.85
CA PRO A 109 -21.01 -17.96 1.39
C PRO A 109 -21.96 -16.90 1.94
N GLU A 110 -21.41 -15.84 2.52
CA GLU A 110 -22.21 -14.68 2.97
C GLU A 110 -22.90 -13.92 1.83
N VAL A 111 -22.35 -14.02 0.63
CA VAL A 111 -22.79 -13.18 -0.47
C VAL A 111 -23.69 -13.94 -1.44
N ASN A 112 -23.23 -15.11 -1.86
CA ASN A 112 -23.92 -15.85 -2.92
C ASN A 112 -23.98 -17.36 -2.71
N ALA A 113 -24.27 -17.76 -1.47
CA ALA A 113 -24.45 -19.18 -1.17
C ALA A 113 -25.53 -19.82 -2.05
N HIS A 114 -26.53 -19.05 -2.46
CA HIS A 114 -27.56 -19.52 -3.39
C HIS A 114 -27.00 -20.19 -4.66
N ALA A 115 -25.83 -19.75 -5.13
CA ALA A 115 -25.19 -20.33 -6.33
C ALA A 115 -24.75 -21.79 -6.17
N LEU A 116 -24.61 -22.24 -4.92
CA LEU A 116 -24.17 -23.60 -4.62
C LEU A 116 -25.17 -24.68 -5.04
N ASP A 117 -26.45 -24.38 -5.01
CA ASP A 117 -27.49 -25.41 -5.28
C ASP A 117 -27.31 -26.08 -6.65
N ALA A 118 -26.99 -25.27 -7.67
CA ALA A 118 -26.85 -25.77 -9.03
C ALA A 118 -25.44 -26.23 -9.40
N HIS A 119 -24.63 -26.58 -8.42
CA HIS A 119 -23.25 -26.98 -8.68
C HIS A 119 -23.20 -28.23 -9.50
N ASN A 120 -22.08 -28.42 -10.20
CA ASN A 120 -21.82 -29.59 -11.05
C ASN A 120 -20.56 -30.33 -10.61
N GLY A 121 -20.24 -30.21 -9.33
CA GLY A 121 -19.16 -30.96 -8.72
C GLY A 121 -17.93 -30.13 -8.41
N ILE A 122 -17.85 -28.93 -8.97
CA ILE A 122 -16.75 -28.00 -8.62
C ILE A 122 -17.32 -26.67 -8.15
N ILE A 123 -16.88 -26.24 -6.96
CA ILE A 123 -17.17 -24.93 -6.45
C ILE A 123 -15.84 -24.19 -6.33
N ALA A 124 -15.76 -23.00 -6.90
CA ALA A 124 -14.52 -22.22 -6.87
C ALA A 124 -14.53 -21.17 -5.76
N CYS A 125 -13.36 -21.01 -5.14
CA CYS A 125 -13.07 -19.94 -4.19
C CYS A 125 -12.57 -18.78 -5.02
N PRO A 126 -13.06 -17.56 -4.78
CA PRO A 126 -12.39 -16.46 -5.45
C PRO A 126 -11.00 -16.22 -4.89
N ASN A 127 -10.32 -15.30 -5.54
CA ASN A 127 -9.07 -14.76 -5.10
C ASN A 127 -9.19 -14.12 -3.70
N CYS A 128 -8.14 -14.22 -2.89
CA CYS A 128 -8.16 -13.69 -1.52
C CYS A 128 -8.54 -12.22 -1.50
N SER A 129 -7.90 -11.41 -2.36
CA SER A 129 -8.20 -9.98 -2.40
C SER A 129 -9.65 -9.69 -2.70
N THR A 130 -10.18 -10.41 -3.66
CA THR A 130 -11.58 -10.28 -4.00
C THR A 130 -12.51 -10.67 -2.83
N ILE A 131 -12.24 -11.80 -2.20
CA ILE A 131 -13.14 -12.26 -1.13
C ILE A 131 -13.36 -11.21 -0.06
N GLN A 132 -12.29 -10.65 0.50
CA GLN A 132 -12.48 -9.70 1.59
C GLN A 132 -13.22 -8.43 1.13
N MET A 133 -12.97 -8.01 -0.11
CA MET A 133 -13.67 -6.89 -0.67
C MET A 133 -15.18 -7.15 -0.81
N MET A 134 -15.53 -8.36 -1.19
CA MET A 134 -16.94 -8.72 -1.34
C MET A 134 -17.68 -8.71 0.01
N VAL A 135 -17.00 -9.18 1.06
CA VAL A 135 -17.56 -9.19 2.39
C VAL A 135 -17.82 -7.77 2.87
N ALA A 136 -16.88 -6.87 2.62
CA ALA A 136 -17.07 -5.47 2.98
C ALA A 136 -18.20 -4.79 2.20
N LEU A 137 -18.34 -5.06 0.89
CA LEU A 137 -19.14 -4.25 0.00
C LEU A 137 -20.56 -4.79 -0.21
N GLU A 138 -20.74 -6.10 -0.13
CA GLU A 138 -22.06 -6.67 -0.34
C GLU A 138 -23.15 -5.99 0.55
N PRO A 139 -22.89 -5.79 1.84
CA PRO A 139 -23.92 -5.07 2.61
C PRO A 139 -24.25 -3.70 2.12
N VAL A 140 -23.24 -3.01 1.61
CA VAL A 140 -23.43 -1.70 1.01
C VAL A 140 -24.25 -1.81 -0.27
N ARG A 141 -23.86 -2.71 -1.16
CA ARG A 141 -24.54 -2.93 -2.43
C ARG A 141 -26.02 -3.22 -2.25
N GLN A 142 -26.34 -4.04 -1.23
CA GLN A 142 -27.73 -4.42 -0.94
C GLN A 142 -28.66 -3.24 -0.64
N LYS A 143 -28.15 -2.22 0.05
CA LYS A 143 -28.96 -1.10 0.53
C LYS A 143 -28.89 0.16 -0.33
N TRP A 144 -27.78 0.36 -1.04
CA TRP A 144 -27.54 1.61 -1.78
C TRP A 144 -26.97 1.42 -3.19
N GLY A 145 -26.83 0.17 -3.63
CA GLY A 145 -26.26 -0.16 -4.94
C GLY A 145 -24.75 0.10 -5.06
N LEU A 146 -24.14 -0.41 -6.12
CA LEU A 146 -22.72 -0.15 -6.44
C LEU A 146 -22.53 0.22 -7.91
N ASP A 147 -21.96 1.39 -8.16
CA ASP A 147 -21.72 1.87 -9.51
C ASP A 147 -20.32 1.50 -9.98
N ARG A 148 -19.33 1.84 -9.17
CA ARG A 148 -17.94 1.53 -9.52
C ARG A 148 -17.10 1.30 -8.28
N ILE A 149 -16.00 0.59 -8.45
CA ILE A 149 -14.99 0.39 -7.41
C ILE A 149 -13.61 0.71 -7.98
N ILE A 150 -12.81 1.45 -7.21
CA ILE A 150 -11.37 1.57 -7.45
C ILE A 150 -10.66 1.07 -6.21
N VAL A 151 -9.69 0.15 -6.38
CA VAL A 151 -9.02 -0.45 -5.23
C VAL A 151 -7.51 -0.58 -5.43
N SER A 152 -6.77 -0.18 -4.41
CA SER A 152 -5.33 -0.35 -4.37
C SER A 152 -5.07 -1.28 -3.21
N THR A 153 -4.33 -2.37 -3.46
CA THR A 153 -4.16 -3.38 -2.45
C THR A 153 -2.75 -3.33 -1.86
N TYR A 154 -2.62 -3.96 -0.71
CA TYR A 154 -1.47 -3.92 0.14
C TYR A 154 -1.33 -5.38 0.58
N GLN A 155 -0.75 -6.22 -0.29
CA GLN A 155 -0.91 -7.68 -0.19
C GLN A 155 0.30 -8.37 0.44
N ALA A 156 0.03 -9.30 1.38
CA ALA A 156 1.02 -10.10 2.08
C ALA A 156 1.68 -11.14 1.18
N VAL A 157 2.94 -11.42 1.46
CA VAL A 157 3.71 -12.37 0.66
C VAL A 157 3.23 -13.81 0.74
N SER A 158 2.55 -14.20 1.82
CA SER A 158 2.07 -15.58 1.94
C SER A 158 1.08 -15.89 0.84
N GLY A 159 0.54 -14.85 0.19
CA GLY A 159 -0.32 -15.01 -1.00
C GLY A 159 0.42 -15.68 -2.15
N ALA A 160 1.74 -15.58 -2.15
CA ALA A 160 2.59 -16.20 -3.17
C ALA A 160 3.21 -17.54 -2.76
N GLY A 161 2.81 -18.08 -1.61
CA GLY A 161 3.24 -19.42 -1.16
C GLY A 161 4.34 -19.50 -0.11
N MET A 162 4.57 -20.70 0.41
CA MET A 162 5.62 -20.92 1.42
C MET A 162 6.98 -20.38 0.99
N GLY A 163 7.35 -20.64 -0.26
CA GLY A 163 8.60 -20.16 -0.82
C GLY A 163 8.79 -18.66 -0.72
N ALA A 164 7.71 -17.92 -0.93
CA ALA A 164 7.76 -16.47 -0.86
C ALA A 164 7.88 -15.95 0.58
N ILE A 165 7.28 -16.65 1.55
CA ILE A 165 7.43 -16.32 2.98
C ILE A 165 8.90 -16.53 3.38
N LEU A 166 9.45 -17.69 3.02
CA LEU A 166 10.83 -17.97 3.35
C LEU A 166 11.78 -16.95 2.71
N GLU A 167 11.53 -16.63 1.45
CA GLU A 167 12.33 -15.64 0.73
C GLU A 167 12.28 -14.28 1.38
N THR A 168 11.07 -13.83 1.75
CA THR A 168 10.91 -12.57 2.44
C THR A 168 11.68 -12.52 3.78
N GLN A 169 11.51 -13.56 4.58
CA GLN A 169 12.19 -13.62 5.86
C GLN A 169 13.71 -13.62 5.72
N ARG A 170 14.20 -14.38 4.74
CA ARG A 170 15.63 -14.44 4.46
C ARG A 170 16.17 -13.06 4.06
N GLU A 171 15.45 -12.39 3.16
CA GLU A 171 15.85 -11.05 2.71
C GLU A 171 15.89 -10.03 3.83
N LEU A 172 14.80 -9.93 4.62
CA LEU A 172 14.79 -9.05 5.79
C LEU A 172 15.94 -9.33 6.77
N ARG A 173 16.22 -10.61 7.00
CA ARG A 173 17.37 -10.97 7.87
C ARG A 173 18.71 -10.54 7.29
N GLU A 174 18.87 -10.65 5.97
CA GLU A 174 20.13 -10.23 5.35
C GLU A 174 20.34 -8.74 5.53
N VAL A 175 19.28 -7.95 5.36
CA VAL A 175 19.37 -6.50 5.51
C VAL A 175 19.56 -6.12 6.97
N LEU A 176 18.72 -6.65 7.85
CA LEU A 176 18.73 -6.25 9.25
C LEU A 176 19.88 -6.81 10.06
N ASN A 177 20.30 -8.03 9.77
CA ASN A 177 21.37 -8.65 10.56
C ASN A 177 22.74 -8.60 9.87
N ASP A 178 22.75 -8.60 8.55
CA ASP A 178 24.01 -8.67 7.81
C ASP A 178 24.39 -7.35 7.13
N GLY A 179 23.49 -6.37 7.14
CA GLY A 179 23.79 -5.06 6.58
C GLY A 179 23.80 -5.04 5.07
N VAL A 180 23.06 -5.94 4.44
CA VAL A 180 22.95 -5.98 2.98
C VAL A 180 22.04 -4.83 2.52
N LYS A 181 22.43 -4.13 1.46
CA LYS A 181 21.54 -3.10 0.91
C LYS A 181 20.37 -3.79 0.23
N PRO A 182 19.14 -3.27 0.41
CA PRO A 182 17.99 -3.89 -0.25
C PRO A 182 18.16 -4.11 -1.74
N CYS A 183 18.76 -3.14 -2.43
CA CYS A 183 18.93 -3.28 -3.87
CA CYS A 183 19.02 -3.24 -3.86
C CYS A 183 20.00 -4.34 -4.25
N ASP A 184 20.80 -4.78 -3.28
CA ASP A 184 21.81 -5.84 -3.50
C ASP A 184 21.28 -7.26 -3.28
N LEU A 185 20.03 -7.37 -2.81
CA LEU A 185 19.44 -8.68 -2.51
C LEU A 185 19.19 -9.52 -3.76
N HIS A 186 19.27 -10.83 -3.56
CA HIS A 186 19.01 -11.79 -4.60
C HIS A 186 17.66 -12.39 -4.33
N ALA A 187 16.76 -12.25 -5.29
CA ALA A 187 15.44 -12.83 -5.19
C ALA A 187 15.25 -13.88 -6.24
N GLU A 188 14.48 -14.90 -5.90
CA GLU A 188 14.18 -16.01 -6.81
C GLU A 188 12.70 -16.20 -7.15
N ILE A 189 11.80 -15.58 -6.38
CA ILE A 189 10.37 -15.88 -6.50
C ILE A 189 9.54 -14.63 -6.77
N LEU A 190 9.56 -13.67 -5.86
CA LEU A 190 8.72 -12.47 -6.02
C LEU A 190 9.25 -11.61 -7.20
N PRO A 191 8.36 -10.87 -7.89
CA PRO A 191 6.94 -10.64 -7.62
C PRO A 191 6.09 -11.85 -8.04
N SER A 192 6.55 -12.61 -9.02
CA SER A 192 5.81 -13.78 -9.47
C SER A 192 6.73 -14.91 -9.92
N GLY A 193 6.57 -16.05 -9.25
CA GLY A 193 7.43 -17.19 -9.43
C GLY A 193 7.59 -17.65 -10.87
N GLY A 194 6.54 -17.51 -11.67
CA GLY A 194 6.58 -17.93 -13.07
C GLY A 194 7.08 -16.87 -14.04
N ASP A 195 7.09 -15.60 -13.65
CA ASP A 195 7.57 -14.54 -14.56
C ASP A 195 9.10 -14.55 -14.71
N LYS A 196 9.63 -13.76 -15.63
CA LYS A 196 11.04 -13.85 -16.03
C LYS A 196 12.05 -13.25 -15.05
N LYS A 197 11.69 -12.16 -14.39
CA LYS A 197 12.63 -11.45 -13.53
C LYS A 197 12.09 -11.37 -12.10
N HIS A 198 12.99 -11.40 -11.14
CA HIS A 198 12.61 -11.48 -9.75
C HIS A 198 13.24 -10.29 -9.05
N TYR A 199 12.49 -9.68 -8.12
CA TYR A 199 12.93 -8.51 -7.40
C TYR A 199 12.78 -8.71 -5.89
N PRO A 200 13.63 -8.07 -5.08
CA PRO A 200 13.47 -8.12 -3.64
C PRO A 200 12.18 -7.44 -3.17
N ILE A 201 11.58 -7.96 -2.10
CA ILE A 201 10.39 -7.36 -1.42
C ILE A 201 10.77 -6.63 -0.12
N ALA A 202 11.93 -6.97 0.43
CA ALA A 202 12.37 -6.41 1.70
C ALA A 202 12.44 -4.91 1.50
N PHE A 203 11.74 -4.17 2.37
CA PHE A 203 11.71 -2.70 2.35
C PHE A 203 11.35 -2.15 1.01
N ASN A 204 10.48 -2.87 0.31
CA ASN A 204 10.05 -2.49 -1.01
C ASN A 204 8.52 -2.60 -1.14
N ALA A 205 7.97 -2.04 -2.19
CA ALA A 205 6.58 -2.30 -2.51
C ALA A 205 6.53 -2.58 -3.99
N LEU A 206 6.04 -3.78 -4.36
CA LEU A 206 6.14 -4.23 -5.73
C LEU A 206 4.80 -4.18 -6.38
N PRO A 207 4.60 -3.28 -7.36
CA PRO A 207 3.31 -3.10 -8.02
C PRO A 207 3.10 -4.17 -9.12
N GLN A 208 3.35 -5.43 -8.79
CA GLN A 208 3.05 -6.54 -9.67
C GLN A 208 2.69 -7.74 -8.85
N ILE A 209 1.55 -8.33 -9.17
CA ILE A 209 1.14 -9.59 -8.56
C ILE A 209 0.56 -10.35 -9.73
N ASP A 210 0.98 -11.60 -9.87
CA ASP A 210 0.77 -12.40 -11.07
C ASP A 210 1.45 -11.72 -12.28
N VAL A 211 1.17 -12.22 -13.48
CA VAL A 211 1.85 -11.76 -14.68
C VAL A 211 1.01 -10.73 -15.38
N PHE A 212 1.62 -10.01 -16.33
CA PHE A 212 0.90 -8.98 -17.06
C PHE A 212 0.01 -9.56 -18.14
N THR A 213 -1.18 -8.97 -18.29
CA THR A 213 -2.09 -9.36 -19.37
C THR A 213 -1.88 -8.35 -20.48
N ASP A 214 -2.50 -8.55 -21.63
CA ASP A 214 -2.20 -7.63 -22.76
C ASP A 214 -2.88 -6.26 -22.67
N ASN A 215 -3.69 -6.00 -21.63
CA ASN A 215 -4.18 -4.64 -21.39
C ASN A 215 -3.33 -3.84 -20.39
N ASP A 216 -2.16 -4.35 -20.05
CA ASP A 216 -1.23 -3.73 -19.09
C ASP A 216 -1.68 -3.74 -17.62
N TYR A 217 -2.84 -4.33 -17.34
CA TYR A 217 -3.18 -4.73 -15.95
C TYR A 217 -2.68 -6.12 -15.74
N THR A 218 -2.36 -6.46 -14.47
CA THR A 218 -1.94 -7.83 -14.19
C THR A 218 -3.16 -8.75 -14.10
N TYR A 219 -2.90 -10.05 -14.13
CA TYR A 219 -3.96 -11.03 -13.90
C TYR A 219 -4.59 -10.87 -12.53
N GLU A 220 -3.83 -10.47 -11.51
CA GLU A 220 -4.40 -10.28 -10.18
C GLU A 220 -5.44 -9.14 -10.21
N GLU A 221 -5.10 -8.03 -10.85
CA GLU A 221 -6.01 -6.91 -10.98
C GLU A 221 -7.29 -7.32 -11.77
N MET A 222 -7.10 -8.11 -12.82
CA MET A 222 -8.19 -8.49 -13.75
C MET A 222 -9.07 -9.53 -13.07
N LYS A 223 -8.47 -10.35 -12.20
CA LYS A 223 -9.26 -11.27 -11.37
C LYS A 223 -10.21 -10.51 -10.46
N MET A 224 -9.74 -9.46 -9.80
CA MET A 224 -10.60 -8.66 -8.94
C MET A 224 -11.76 -8.07 -9.74
N THR A 225 -11.47 -7.59 -10.95
CA THR A 225 -12.50 -7.09 -11.83
C THR A 225 -13.55 -8.15 -12.24
N LYS A 226 -13.10 -9.28 -12.76
CA LYS A 226 -14.00 -10.27 -13.33
C LYS A 226 -14.71 -11.05 -12.25
N GLU A 227 -14.00 -11.34 -11.16
CA GLU A 227 -14.58 -12.13 -10.09
C GLU A 227 -15.69 -11.37 -9.34
N THR A 228 -15.49 -10.08 -9.10
CA THR A 228 -16.52 -9.21 -8.51
C THR A 228 -17.83 -9.24 -9.33
N LYS A 229 -17.69 -9.05 -10.64
CA LYS A 229 -18.81 -9.00 -11.55
C LYS A 229 -19.61 -10.31 -11.46
N LYS A 230 -18.90 -11.42 -11.43
CA LYS A 230 -19.53 -12.73 -11.37
C LYS A 230 -20.18 -12.97 -10.03
N ILE A 231 -19.47 -12.66 -8.94
CA ILE A 231 -19.98 -12.88 -7.58
C ILE A 231 -21.22 -12.05 -7.25
N MET A 232 -21.23 -10.79 -7.68
CA MET A 232 -22.36 -9.91 -7.42
C MET A 232 -23.40 -9.97 -8.54
N GLU A 233 -23.14 -10.81 -9.53
CA GLU A 233 -24.04 -11.08 -10.62
C GLU A 233 -24.49 -9.75 -11.24
N ASP A 234 -23.50 -8.94 -11.63
CA ASP A 234 -23.76 -7.61 -12.19
C ASP A 234 -22.57 -7.11 -12.98
N ASP A 235 -22.63 -7.33 -14.29
CA ASP A 235 -21.58 -6.93 -15.22
C ASP A 235 -21.45 -5.44 -15.35
N SER A 236 -22.41 -4.68 -14.83
CA SER A 236 -22.39 -3.24 -14.98
C SER A 236 -21.45 -2.59 -13.97
N ILE A 237 -21.05 -3.30 -12.93
CA ILE A 237 -20.19 -2.67 -11.90
C ILE A 237 -18.81 -2.49 -12.51
N ALA A 238 -18.38 -1.23 -12.57
CA ALA A 238 -17.06 -0.87 -13.06
C ALA A 238 -16.06 -1.11 -11.93
N VAL A 239 -15.01 -1.87 -12.24
CA VAL A 239 -13.97 -2.23 -11.26
C VAL A 239 -12.60 -2.14 -11.92
N SER A 240 -11.72 -1.31 -11.36
CA SER A 240 -10.31 -1.24 -11.77
C SER A 240 -9.44 -1.30 -10.49
N ALA A 241 -8.32 -1.99 -10.60
CA ALA A 241 -7.50 -2.32 -9.43
C ALA A 241 -6.03 -2.11 -9.70
N THR A 242 -5.30 -1.81 -8.64
CA THR A 242 -3.85 -1.82 -8.64
C THR A 242 -3.43 -2.74 -7.49
N CYS A 243 -2.68 -3.79 -7.78
CA CYS A 243 -2.38 -4.80 -6.81
C CYS A 243 -0.88 -4.78 -6.48
N VAL A 244 -0.57 -4.55 -5.22
CA VAL A 244 0.80 -4.26 -4.80
C VAL A 244 1.21 -5.19 -3.66
N ARG A 245 2.37 -5.84 -3.79
CA ARG A 245 2.95 -6.63 -2.71
C ARG A 245 3.75 -5.76 -1.75
N ILE A 246 3.58 -5.94 -0.43
CA ILE A 246 4.34 -5.18 0.55
C ILE A 246 4.98 -6.15 1.54
N PRO A 247 5.95 -5.68 2.33
CA PRO A 247 6.59 -6.59 3.28
C PRO A 247 5.73 -6.96 4.51
N VAL A 248 4.70 -7.76 4.25
CA VAL A 248 3.83 -8.29 5.28
C VAL A 248 3.73 -9.76 5.02
N LEU A 249 3.80 -10.58 6.06
CA LEU A 249 3.71 -12.03 5.87
C LEU A 249 2.29 -12.50 5.68
N SER A 250 1.39 -12.01 6.51
CA SER A 250 0.00 -12.46 6.52
C SER A 250 -0.95 -11.29 6.71
N ALA A 251 -2.08 -11.41 6.02
CA ALA A 251 -3.22 -10.49 5.95
C ALA A 251 -3.07 -9.45 4.87
N HIS A 252 -4.02 -9.43 3.95
CA HIS A 252 -4.08 -8.37 2.95
C HIS A 252 -4.86 -7.15 3.48
N SER A 253 -4.45 -5.98 3.02
CA SER A 253 -5.13 -4.71 3.31
C SER A 253 -5.49 -4.09 1.98
N GLU A 254 -6.58 -3.33 1.93
CA GLU A 254 -7.12 -2.72 0.72
C GLU A 254 -7.68 -1.33 1.02
N SER A 255 -7.25 -0.34 0.22
CA SER A 255 -7.87 0.96 0.20
C SER A 255 -8.94 0.91 -0.89
N VAL A 256 -10.19 0.95 -0.48
CA VAL A 256 -11.29 0.70 -1.42
C VAL A 256 -12.11 1.98 -1.59
N TYR A 257 -12.29 2.38 -2.84
CA TYR A 257 -13.19 3.49 -3.19
C TYR A 257 -14.37 2.92 -3.94
N ILE A 258 -15.55 3.40 -3.57
CA ILE A 258 -16.76 3.04 -4.25
C ILE A 258 -17.59 4.28 -4.49
N GLU A 259 -18.43 4.19 -5.53
CA GLU A 259 -19.52 5.12 -5.67
C GLU A 259 -20.78 4.27 -5.67
N THR A 260 -21.69 4.59 -4.74
CA THR A 260 -22.97 3.88 -4.61
C THR A 260 -23.95 4.38 -5.69
N LYS A 261 -25.09 3.71 -5.84
CA LYS A 261 -26.15 4.21 -6.75
C LYS A 261 -26.93 5.33 -6.09
N GLU A 262 -27.24 5.15 -4.81
CA GLU A 262 -27.92 6.16 -3.99
C GLU A 262 -26.94 6.66 -2.93
N VAL A 263 -27.19 7.85 -2.37
CA VAL A 263 -26.30 8.35 -1.32
C VAL A 263 -26.46 7.52 -0.05
N ALA A 264 -25.34 7.03 0.47
CA ALA A 264 -25.32 6.15 1.61
C ALA A 264 -24.74 6.89 2.80
N PRO A 265 -25.60 7.31 3.75
CA PRO A 265 -25.02 7.98 4.93
C PRO A 265 -23.99 7.13 5.62
N ILE A 266 -22.86 7.72 5.96
CA ILE A 266 -21.72 6.96 6.49
C ILE A 266 -22.11 6.20 7.75
N GLU A 267 -22.89 6.81 8.64
CA GLU A 267 -23.22 6.11 9.89
C GLU A 267 -24.12 4.90 9.64
N GLU A 268 -24.89 4.93 8.55
CA GLU A 268 -25.68 3.78 8.17
C GLU A 268 -24.83 2.72 7.48
N VAL A 269 -23.83 3.16 6.72
CA VAL A 269 -22.85 2.23 6.10
C VAL A 269 -22.08 1.48 7.20
N LYS A 270 -21.63 2.20 8.20
CA LYS A 270 -20.95 1.57 9.32
C LYS A 270 -21.86 0.50 9.94
N ALA A 271 -23.14 0.85 10.17
CA ALA A 271 -24.07 -0.11 10.77
C ALA A 271 -24.34 -1.33 9.88
N ALA A 272 -24.46 -1.13 8.58
CA ALA A 272 -24.83 -2.22 7.68
C ALA A 272 -23.66 -3.19 7.57
N ILE A 273 -22.46 -2.65 7.65
CA ILE A 273 -21.27 -3.51 7.54
C ILE A 273 -21.18 -4.28 8.84
N ALA A 274 -21.38 -3.61 9.97
CA ALA A 274 -21.33 -4.27 11.27
C ALA A 274 -22.32 -5.42 11.35
N ALA A 275 -23.49 -5.22 10.78
CA ALA A 275 -24.55 -6.21 10.84
C ALA A 275 -24.42 -7.35 9.83
N PHE A 276 -23.45 -7.26 8.92
CA PHE A 276 -23.26 -8.28 7.90
C PHE A 276 -22.40 -9.44 8.40
N PRO A 277 -22.89 -10.70 8.23
CA PRO A 277 -22.09 -11.85 8.67
C PRO A 277 -20.72 -11.88 8.02
N GLY A 278 -19.69 -12.10 8.81
CA GLY A 278 -18.32 -12.22 8.29
C GLY A 278 -17.55 -10.90 8.32
N ALA A 279 -18.28 -9.78 8.49
CA ALA A 279 -17.68 -8.45 8.52
C ALA A 279 -17.77 -7.83 9.90
N VAL A 280 -16.65 -7.27 10.36
CA VAL A 280 -16.56 -6.64 11.66
CA VAL A 280 -16.56 -6.64 11.66
C VAL A 280 -16.14 -5.19 11.47
N LEU A 281 -16.89 -4.27 12.08
CA LEU A 281 -16.58 -2.85 11.97
C LEU A 281 -15.51 -2.54 13.01
N GLU A 282 -14.37 -2.01 12.57
CA GLU A 282 -13.31 -1.56 13.48
C GLU A 282 -13.01 -0.14 13.10
N ASP A 283 -13.77 0.80 13.67
CA ASP A 283 -13.83 2.15 13.12
C ASP A 283 -14.22 3.12 14.21
N ASP A 284 -13.21 3.59 14.93
CA ASP A 284 -13.39 4.58 15.98
C ASP A 284 -12.15 5.48 15.99
N VAL A 285 -12.16 6.46 15.08
CA VAL A 285 -11.00 7.31 14.89
C VAL A 285 -10.62 8.10 16.12
N ALA A 286 -11.60 8.47 16.94
CA ALA A 286 -11.29 9.20 18.16
C ALA A 286 -10.37 8.40 19.08
N HIS A 287 -10.37 7.06 18.96
CA HIS A 287 -9.42 6.23 19.68
C HIS A 287 -8.45 5.48 18.72
N GLN A 288 -8.24 6.04 17.53
CA GLN A 288 -7.33 5.46 16.54
C GLN A 288 -7.62 3.97 16.30
N ILE A 289 -8.90 3.64 16.23
CA ILE A 289 -9.30 2.25 15.96
C ILE A 289 -9.58 2.09 14.46
N TYR A 290 -8.80 1.21 13.81
CA TYR A 290 -9.06 0.84 12.41
C TYR A 290 -8.44 -0.54 12.16
N PRO A 291 -8.87 -1.24 11.10
CA PRO A 291 -8.27 -2.55 10.82
C PRO A 291 -6.77 -2.51 10.63
N GLN A 292 -6.10 -3.53 11.13
CA GLN A 292 -4.67 -3.67 10.93
C GLN A 292 -4.35 -5.13 10.59
N ALA A 293 -3.55 -5.33 9.54
CA ALA A 293 -3.03 -6.66 9.21
C ALA A 293 -2.62 -7.47 10.44
N ILE A 294 -1.82 -6.88 11.34
CA ILE A 294 -1.33 -7.69 12.46
C ILE A 294 -2.40 -8.19 13.41
N ASN A 295 -3.50 -7.44 13.55
CA ASN A 295 -4.57 -7.87 14.41
C ASN A 295 -5.51 -8.85 13.71
N ALA A 296 -5.55 -8.81 12.37
CA ALA A 296 -6.42 -9.70 11.61
C ALA A 296 -5.96 -11.11 11.53
N VAL A 297 -4.64 -11.29 11.63
CA VAL A 297 -4.05 -12.60 11.48
C VAL A 297 -4.65 -13.56 12.49
N GLY A 298 -5.08 -14.74 12.01
CA GLY A 298 -5.70 -15.74 12.86
C GLY A 298 -7.22 -15.71 12.96
N SER A 299 -7.84 -14.60 12.55
CA SER A 299 -9.28 -14.46 12.59
C SER A 299 -9.91 -14.76 11.25
N ARG A 300 -11.04 -15.44 11.31
CA ARG A 300 -11.87 -15.66 10.14
C ARG A 300 -12.63 -14.42 9.65
N ASP A 301 -12.76 -13.38 10.47
CA ASP A 301 -13.57 -12.22 10.10
C ASP A 301 -12.82 -11.28 9.15
N THR A 302 -13.57 -10.41 8.50
CA THR A 302 -13.02 -9.38 7.63
C THR A 302 -13.31 -8.07 8.31
N PHE A 303 -12.31 -7.21 8.45
CA PHE A 303 -12.36 -5.99 9.27
C PHE A 303 -12.39 -4.75 8.39
N VAL A 304 -13.26 -3.80 8.71
CA VAL A 304 -13.49 -2.65 7.87
C VAL A 304 -13.52 -1.39 8.72
N GLY A 305 -12.89 -0.35 8.22
CA GLY A 305 -12.82 0.91 8.94
C GLY A 305 -12.34 1.98 8.01
N ARG A 306 -11.86 3.08 8.61
CA ARG A 306 -11.58 4.33 7.87
C ARG A 306 -12.72 4.74 6.93
N ILE A 307 -13.97 4.41 7.31
CA ILE A 307 -15.11 4.65 6.44
C ILE A 307 -15.46 6.14 6.46
N ARG A 308 -15.46 6.75 5.29
CA ARG A 308 -15.70 8.17 5.16
C ARG A 308 -16.15 8.52 3.75
N LYS A 309 -16.96 9.57 3.62
CA LYS A 309 -17.33 10.03 2.30
C LYS A 309 -16.18 10.74 1.62
N ASP A 310 -16.17 10.65 0.30
CA ASP A 310 -15.28 11.38 -0.58
C ASP A 310 -15.50 12.88 -0.39
N LEU A 311 -14.42 13.65 -0.49
CA LEU A 311 -14.48 15.09 -0.28
C LEU A 311 -15.24 15.86 -1.36
N ASP A 312 -15.59 15.21 -2.46
CA ASP A 312 -16.15 15.88 -3.64
C ASP A 312 -17.32 15.14 -4.29
N ALA A 313 -17.14 13.85 -4.53
CA ALA A 313 -18.15 13.00 -5.11
C ALA A 313 -19.25 12.65 -4.11
N GLU A 314 -20.47 13.09 -4.42
CA GLU A 314 -21.60 12.94 -3.49
C GLU A 314 -21.83 11.49 -3.07
N LYS A 315 -21.70 10.59 -4.03
CA LYS A 315 -21.97 9.17 -3.81
C LYS A 315 -20.69 8.36 -3.50
N GLY A 316 -19.58 9.06 -3.31
CA GLY A 316 -18.29 8.41 -3.07
C GLY A 316 -18.00 8.07 -1.62
N ILE A 317 -17.33 6.93 -1.40
CA ILE A 317 -17.05 6.45 -0.07
C ILE A 317 -15.68 5.77 -0.12
N HIS A 318 -14.84 6.03 0.88
CA HIS A 318 -13.54 5.37 1.02
C HIS A 318 -13.58 4.49 2.26
N MET A 319 -12.79 3.41 2.25
CA MET A 319 -12.69 2.57 3.41
C MET A 319 -11.39 1.76 3.31
N TRP A 320 -11.08 1.04 4.39
CA TRP A 320 -9.88 0.23 4.56
C TRP A 320 -10.35 -1.14 5.04
N VAL A 321 -9.98 -2.18 4.29
CA VAL A 321 -10.46 -3.54 4.52
C VAL A 321 -9.26 -4.45 4.73
N VAL A 322 -9.28 -5.24 5.81
CA VAL A 322 -8.22 -6.14 6.15
C VAL A 322 -8.78 -7.54 6.48
N SER A 323 -8.16 -8.57 5.94
CA SER A 323 -8.49 -9.92 6.35
C SER A 323 -7.27 -10.82 6.15
N ASP A 324 -7.19 -11.85 6.97
CA ASP A 324 -6.17 -12.90 6.81
C ASP A 324 -6.35 -13.61 5.47
N ASN A 325 -5.35 -13.48 4.62
CA ASN A 325 -5.47 -13.97 3.25
C ASN A 325 -5.42 -15.48 3.17
N LEU A 326 -4.90 -16.16 4.19
CA LEU A 326 -4.96 -17.62 4.23
C LEU A 326 -6.20 -18.18 4.91
N LEU A 327 -6.98 -17.34 5.58
CA LEU A 327 -8.18 -17.82 6.23
C LEU A 327 -9.39 -17.45 5.40
N LYS A 328 -10.04 -16.30 5.64
CA LYS A 328 -11.14 -15.93 4.77
C LYS A 328 -10.72 -15.82 3.30
N GLY A 329 -9.47 -15.43 3.05
CA GLY A 329 -8.97 -15.37 1.67
C GLY A 329 -8.72 -16.72 1.02
N ALA A 330 -8.75 -17.82 1.78
CA ALA A 330 -8.49 -19.10 1.19
C ALA A 330 -9.13 -20.26 1.97
N ALA A 331 -8.46 -20.72 3.02
CA ALA A 331 -8.86 -21.95 3.71
C ALA A 331 -10.16 -21.87 4.49
N TRP A 332 -10.38 -20.77 5.21
CA TRP A 332 -11.66 -20.63 5.85
C TRP A 332 -12.78 -20.50 4.81
N ASN A 333 -12.64 -19.67 3.77
CA ASN A 333 -13.71 -19.62 2.76
C ASN A 333 -14.04 -21.02 2.25
N SER A 334 -13.01 -21.85 2.04
CA SER A 334 -13.19 -23.18 1.50
C SER A 334 -13.92 -24.13 2.43
N VAL A 335 -13.50 -24.15 3.68
CA VAL A 335 -14.14 -24.99 4.68
C VAL A 335 -15.57 -24.50 4.93
N GLN A 336 -15.75 -23.19 4.89
CA GLN A 336 -17.07 -22.60 5.09
C GLN A 336 -18.01 -22.98 3.92
N ILE A 337 -17.49 -22.99 2.69
CA ILE A 337 -18.23 -23.58 1.54
C ILE A 337 -18.56 -25.05 1.80
N ALA A 338 -17.57 -25.85 2.19
CA ALA A 338 -17.84 -27.28 2.53
C ALA A 338 -18.95 -27.42 3.59
N GLU A 339 -18.85 -26.63 4.64
CA GLU A 339 -19.89 -26.62 5.67
C GLU A 339 -21.27 -26.26 5.11
N THR A 340 -21.31 -25.28 4.21
CA THR A 340 -22.56 -24.83 3.61
C THR A 340 -23.10 -25.93 2.71
N LEU A 341 -22.21 -26.65 2.03
CA LEU A 341 -22.64 -27.76 1.18
C LEU A 341 -23.30 -28.83 2.00
N HIS A 342 -22.68 -29.14 3.14
CA HIS A 342 -23.22 -30.15 4.06
C HIS A 342 -24.61 -29.73 4.56
N GLU A 343 -24.74 -28.47 4.97
CA GLU A 343 -25.99 -27.89 5.49
C GLU A 343 -27.15 -28.05 4.51
N ARG A 344 -26.86 -27.87 3.24
CA ARG A 344 -27.84 -27.89 2.18
C ARG A 344 -27.97 -29.24 1.49
N GLY A 345 -27.37 -30.27 2.07
CA GLY A 345 -27.40 -31.63 1.50
C GLY A 345 -26.83 -31.73 0.10
N LEU A 346 -25.80 -30.93 -0.18
CA LEU A 346 -25.20 -30.83 -1.51
C LEU A 346 -23.91 -31.62 -1.69
N VAL A 347 -23.54 -32.40 -0.68
CA VAL A 347 -22.34 -33.25 -0.78
C VAL A 347 -22.79 -34.62 -1.28
N ARG A 348 -22.76 -34.77 -2.60
CA ARG A 348 -23.09 -36.04 -3.23
C ARG A 348 -22.56 -35.94 -4.64
N PRO A 349 -22.30 -37.10 -5.26
CA PRO A 349 -21.80 -37.19 -6.64
C PRO A 349 -22.63 -36.43 -7.67
N THR A 350 -21.96 -35.91 -8.69
CA THR A 350 -22.62 -35.30 -9.84
C THR A 350 -22.70 -36.33 -10.94
N ALA A 351 -23.87 -36.52 -11.55
CA ALA A 351 -24.04 -37.58 -12.55
C ALA A 351 -23.37 -37.20 -13.88
N GLU A 352 -23.57 -35.97 -14.30
CA GLU A 352 -23.10 -35.50 -15.62
C GLU A 352 -21.76 -34.76 -15.50
N LEU A 353 -20.69 -35.31 -16.06
CA LEU A 353 -19.38 -34.62 -16.08
C LEU A 353 -19.42 -33.45 -17.07
N LYS A 354 -18.99 -32.27 -16.64
CA LYS A 354 -19.01 -31.11 -17.53
C LYS A 354 -17.63 -30.50 -17.71
N PHE A 355 -16.62 -31.16 -17.16
CA PHE A 355 -15.25 -30.65 -17.15
C PHE A 355 -14.28 -31.58 -17.89
N GLU A 356 -13.60 -30.97 -18.85
CA GLU A 356 -12.61 -31.60 -19.69
C GLU A 356 -11.62 -32.45 -18.90
N LEU A 357 -11.46 -33.70 -19.33
CA LEU A 357 -10.47 -34.59 -18.75
C LEU A 357 -9.18 -34.38 -19.54
N LYS A 358 -8.11 -33.97 -18.85
CA LYS A 358 -6.87 -33.50 -19.49
C LYS A 358 -5.83 -34.61 -19.69
N LEU A 359 -6.00 -35.74 -19.02
CA LEU A 359 -5.06 -36.87 -19.11
C LEU A 359 -5.63 -38.07 -19.92
N GLU A 360 -6.38 -37.78 -20.97
CA GLU A 360 -6.97 -38.79 -21.86
C GLU A 360 -7.99 -39.69 -21.17
N GLY B 2 29.70 34.93 -1.72
CA GLY B 2 29.08 33.64 -1.30
C GLY B 2 28.06 33.84 -0.19
N TYR B 3 27.33 32.79 0.14
CA TYR B 3 26.25 32.88 1.12
C TYR B 3 26.66 32.27 2.45
N THR B 4 26.06 32.78 3.52
CA THR B 4 26.02 32.07 4.80
C THR B 4 24.72 31.28 4.81
N VAL B 5 24.83 29.97 4.97
CA VAL B 5 23.69 29.08 4.95
C VAL B 5 23.57 28.40 6.33
N ALA B 6 22.39 28.51 6.94
CA ALA B 6 22.09 27.77 8.16
C ALA B 6 21.17 26.58 7.87
N VAL B 7 21.45 25.45 8.50
CA VAL B 7 20.54 24.30 8.53
C VAL B 7 19.98 24.19 9.95
N VAL B 8 18.68 24.39 10.08
CA VAL B 8 17.99 24.28 11.36
C VAL B 8 17.38 22.88 11.43
N GLY B 9 17.81 22.10 12.42
CA GLY B 9 17.47 20.68 12.48
C GLY B 9 18.47 19.83 11.70
N ALA B 10 19.74 20.17 11.78
CA ALA B 10 20.79 19.45 11.04
C ALA B 10 21.00 18.00 11.47
N THR B 11 20.64 17.67 12.70
CA THR B 11 20.90 16.36 13.29
C THR B 11 19.89 15.25 12.96
N GLY B 12 18.74 15.61 12.38
CA GLY B 12 17.62 14.66 12.19
C GLY B 12 17.64 13.99 10.83
N ALA B 13 16.57 13.25 10.50
CA ALA B 13 16.59 12.43 9.31
C ALA B 13 16.67 13.38 8.10
N VAL B 14 15.84 14.42 8.08
CA VAL B 14 15.85 15.35 6.95
C VAL B 14 17.13 16.19 6.94
N GLY B 15 17.53 16.67 8.11
CA GLY B 15 18.78 17.43 8.26
C GLY B 15 19.99 16.75 7.66
N ALA B 16 20.14 15.46 7.94
CA ALA B 16 21.26 14.68 7.38
C ALA B 16 21.27 14.70 5.85
N GLN B 17 20.09 14.70 5.22
CA GLN B 17 20.03 14.76 3.76
C GLN B 17 20.18 16.18 3.28
N MET B 18 19.73 17.14 4.07
CA MET B 18 19.96 18.54 3.74
C MET B 18 21.46 18.78 3.60
N ILE B 19 22.22 18.21 4.52
CA ILE B 19 23.67 18.36 4.53
C ILE B 19 24.22 17.75 3.24
N LYS B 20 23.82 16.52 2.95
CA LYS B 20 24.21 15.83 1.70
C LYS B 20 23.85 16.65 0.45
N MET B 21 22.64 17.22 0.40
CA MET B 21 22.23 17.91 -0.81
C MET B 21 22.98 19.22 -0.92
N LEU B 22 23.25 19.86 0.21
CA LEU B 22 24.08 21.07 0.23
C LEU B 22 25.52 20.75 -0.14
N GLU B 23 26.08 19.65 0.37
CA GLU B 23 27.42 19.23 -0.05
C GLU B 23 27.49 19.06 -1.57
N GLU B 24 26.40 18.60 -2.20
CA GLU B 24 26.40 18.33 -3.63
C GLU B 24 25.80 19.45 -4.46
N SER B 25 25.56 20.61 -3.84
CA SER B 25 24.88 21.74 -4.50
CA SER B 25 24.89 21.73 -4.53
C SER B 25 25.88 22.67 -5.21
N THR B 26 25.36 23.44 -6.15
CA THR B 26 26.14 24.47 -6.85
C THR B 26 26.12 25.81 -6.11
N LEU B 27 25.38 25.90 -5.02
CA LEU B 27 25.19 27.17 -4.30
C LEU B 27 26.55 27.66 -3.81
N PRO B 28 26.91 28.93 -4.09
CA PRO B 28 28.17 29.44 -3.52
C PRO B 28 28.04 29.66 -2.00
N ILE B 29 28.59 28.75 -1.21
CA ILE B 29 28.48 28.79 0.26
C ILE B 29 29.83 29.20 0.89
N ASP B 30 29.87 30.40 1.46
CA ASP B 30 31.05 30.90 2.17
C ASP B 30 31.13 30.37 3.59
N LYS B 31 29.96 30.22 4.22
CA LYS B 31 29.88 29.76 5.61
C LYS B 31 28.68 28.86 5.84
N ILE B 32 28.91 27.74 6.49
CA ILE B 32 27.81 26.84 6.83
C ILE B 32 27.66 26.81 8.36
N ARG B 33 26.43 26.94 8.83
CA ARG B 33 26.11 26.82 10.26
C ARG B 33 25.05 25.74 10.53
N TYR B 34 25.27 24.95 11.58
CA TYR B 34 24.33 23.88 11.93
C TYR B 34 23.65 24.20 13.24
N LEU B 35 22.33 24.27 13.19
CA LEU B 35 21.47 24.60 14.33
C LEU B 35 20.55 23.43 14.68
N ALA B 36 20.38 23.17 15.97
CA ALA B 36 19.50 22.11 16.45
C ALA B 36 18.98 22.51 17.86
N SER B 37 18.65 21.54 18.71
CA SER B 37 18.17 21.86 20.07
C SER B 37 19.32 22.05 21.04
N ALA B 38 18.98 22.51 22.25
CA ALA B 38 19.95 22.58 23.34
C ALA B 38 20.75 21.29 23.50
N ARG B 39 20.08 20.14 23.38
CA ARG B 39 20.73 18.85 23.65
C ARG B 39 21.70 18.33 22.56
N SER B 40 21.77 19.00 21.41
CA SER B 40 22.81 18.74 20.38
C SER B 40 23.91 19.83 20.33
N ALA B 41 23.65 21.00 20.91
CA ALA B 41 24.62 22.11 20.91
C ALA B 41 25.98 21.70 21.46
N GLY B 42 27.05 22.12 20.77
CA GLY B 42 28.41 21.74 21.13
C GLY B 42 28.92 20.50 20.41
N LYS B 43 28.02 19.62 19.98
CA LYS B 43 28.40 18.48 19.14
C LYS B 43 28.98 18.96 17.82
N SER B 44 29.83 18.11 17.23
CA SER B 44 30.42 18.36 15.93
C SER B 44 29.78 17.48 14.87
N LEU B 45 29.70 18.00 13.65
CA LEU B 45 29.04 17.34 12.54
C LEU B 45 29.76 17.80 11.28
N LYS B 46 30.09 16.88 10.38
CA LYS B 46 30.87 17.23 9.19
C LYS B 46 30.05 18.04 8.18
N PHE B 47 30.71 19.00 7.53
CA PHE B 47 30.33 19.49 6.21
C PHE B 47 31.53 19.23 5.32
N LYS B 48 31.40 18.23 4.45
CA LYS B 48 32.50 17.73 3.63
C LYS B 48 33.59 17.22 4.58
N ASP B 49 34.80 17.76 4.50
CA ASP B 49 35.87 17.37 5.44
C ASP B 49 35.93 18.31 6.63
N GLN B 50 35.10 19.35 6.63
CA GLN B 50 35.17 20.37 7.67
C GLN B 50 34.34 19.99 8.89
N ASP B 51 34.89 20.26 10.08
CA ASP B 51 34.18 20.06 11.35
C ASP B 51 33.36 21.29 11.70
N ILE B 52 32.04 21.12 11.79
CA ILE B 52 31.13 22.21 12.16
C ILE B 52 30.53 21.93 13.53
N THR B 53 30.61 22.91 14.42
CA THR B 53 30.05 22.78 15.76
C THR B 53 28.59 23.17 15.74
N ILE B 54 27.73 22.31 16.28
CA ILE B 54 26.29 22.54 16.25
C ILE B 54 25.94 23.58 17.31
N GLU B 55 25.04 24.49 16.95
CA GLU B 55 24.59 25.57 17.81
C GLU B 55 23.13 25.39 18.18
N GLU B 56 22.74 25.89 19.35
CA GLU B 56 21.33 25.90 19.75
C GLU B 56 20.58 26.94 18.95
N THR B 57 19.38 26.58 18.50
CA THR B 57 18.51 27.51 17.79
C THR B 57 17.88 28.50 18.78
N THR B 58 18.12 29.80 18.56
CA THR B 58 17.57 30.88 19.38
C THR B 58 17.11 32.04 18.51
N GLU B 59 16.43 33.00 19.14
CA GLU B 59 15.86 34.16 18.46
C GLU B 59 16.88 35.09 17.82
N THR B 60 18.14 34.97 18.24
CA THR B 60 19.21 35.84 17.75
C THR B 60 20.34 35.04 17.13
N ALA B 61 20.06 33.78 16.74
CA ALA B 61 21.06 32.96 16.09
C ALA B 61 21.26 33.30 14.60
N PHE B 62 20.37 34.11 14.03
CA PHE B 62 20.29 34.30 12.57
C PHE B 62 20.91 35.57 12.02
N GLU B 63 21.71 36.26 12.84
CA GLU B 63 22.42 37.45 12.36
C GLU B 63 23.47 37.04 11.34
N GLY B 64 23.45 37.69 10.18
CA GLY B 64 24.40 37.40 9.10
C GLY B 64 24.04 36.24 8.17
N VAL B 65 22.97 35.52 8.49
CA VAL B 65 22.54 34.39 7.65
C VAL B 65 21.85 34.91 6.40
N ASP B 66 22.20 34.34 5.25
CA ASP B 66 21.52 34.66 3.99
C ASP B 66 20.36 33.70 3.74
N ILE B 67 20.58 32.42 4.00
CA ILE B 67 19.59 31.36 3.76
C ILE B 67 19.53 30.43 4.95
N ALA B 68 18.30 30.13 5.40
CA ALA B 68 18.10 29.16 6.45
C ALA B 68 17.11 28.11 5.94
N LEU B 69 17.53 26.86 6.02
CA LEU B 69 16.70 25.72 5.66
C LEU B 69 16.22 25.14 6.98
N PHE B 70 14.90 25.18 7.20
CA PHE B 70 14.28 24.66 8.43
C PHE B 70 13.67 23.29 8.25
N SER B 71 14.12 22.37 9.07
CA SER B 71 13.50 21.07 9.16
C SER B 71 13.68 20.59 10.59
N ALA B 72 13.02 21.33 11.49
CA ALA B 72 13.12 21.09 12.91
C ALA B 72 11.77 20.89 13.58
N GLY B 73 10.70 20.77 12.79
CA GLY B 73 9.33 20.64 13.30
C GLY B 73 8.57 21.95 13.29
N SER B 74 7.25 21.86 13.08
CA SER B 74 6.36 23.03 13.05
C SER B 74 6.60 24.05 14.17
N SER B 75 6.65 23.55 15.40
CA SER B 75 6.80 24.43 16.56
C SER B 75 8.08 25.27 16.46
N THR B 76 9.17 24.68 15.94
CA THR B 76 10.44 25.38 15.77
C THR B 76 10.42 26.44 14.67
N SER B 77 9.76 26.15 13.56
CA SER B 77 9.60 27.14 12.50
C SER B 77 8.71 28.28 12.98
N ALA B 78 7.61 27.96 13.64
CA ALA B 78 6.70 28.97 14.19
C ALA B 78 7.44 29.97 15.07
N LYS B 79 8.29 29.47 15.97
CA LYS B 79 8.99 30.33 16.93
C LYS B 79 10.12 31.14 16.30
N TYR B 80 10.99 30.51 15.52
CA TYR B 80 12.23 31.13 15.06
C TYR B 80 12.22 31.70 13.63
N ALA B 81 11.45 31.10 12.73
CA ALA B 81 11.47 31.56 11.34
C ALA B 81 11.17 33.07 11.22
N PRO B 82 10.14 33.58 11.93
CA PRO B 82 9.86 35.03 11.83
C PRO B 82 11.02 35.91 12.31
N TYR B 83 11.73 35.47 13.33
CA TYR B 83 12.99 36.14 13.76
C TYR B 83 14.11 36.06 12.68
N ALA B 84 14.24 34.90 12.04
CA ALA B 84 15.18 34.77 10.94
C ALA B 84 14.85 35.79 9.85
N VAL B 85 13.57 35.89 9.50
CA VAL B 85 13.14 36.86 8.49
C VAL B 85 13.46 38.29 8.93
N LYS B 86 13.26 38.56 10.22
CA LYS B 86 13.57 39.88 10.79
C LYS B 86 15.06 40.18 10.67
N ALA B 87 15.91 39.17 10.87
CA ALA B 87 17.34 39.34 10.67
C ALA B 87 17.74 39.45 9.18
N GLY B 88 16.79 39.29 8.24
CA GLY B 88 17.06 39.44 6.80
C GLY B 88 17.37 38.16 6.05
N VAL B 89 16.97 37.03 6.62
CA VAL B 89 17.22 35.71 6.04
C VAL B 89 16.10 35.42 5.02
N VAL B 90 16.37 34.58 4.04
CA VAL B 90 15.27 33.96 3.31
C VAL B 90 15.19 32.53 3.81
N VAL B 91 14.01 32.17 4.29
CA VAL B 91 13.78 30.88 4.95
C VAL B 91 13.15 29.94 3.94
N VAL B 92 13.65 28.71 3.89
CA VAL B 92 12.96 27.65 3.15
C VAL B 92 12.59 26.66 4.23
N ASP B 93 11.30 26.46 4.43
CA ASP B 93 10.77 25.69 5.56
C ASP B 93 10.16 24.38 5.03
N ASN B 94 10.56 23.25 5.60
CA ASN B 94 10.01 21.96 5.23
C ASN B 94 8.73 21.60 5.99
N THR B 95 8.42 22.36 7.04
CA THR B 95 7.30 22.01 7.93
C THR B 95 5.99 22.44 7.33
N SER B 96 4.90 22.02 7.97
CA SER B 96 3.54 22.35 7.54
C SER B 96 3.06 23.73 7.98
N TYR B 97 3.78 24.35 8.91
CA TYR B 97 3.25 25.54 9.62
C TYR B 97 2.83 26.72 8.73
N PHE B 98 3.64 27.06 7.73
CA PHE B 98 3.38 28.24 6.88
C PHE B 98 2.77 27.91 5.52
N ARG B 99 2.50 26.62 5.27
CA ARG B 99 2.10 26.17 3.95
C ARG B 99 0.84 26.80 3.40
N GLN B 100 -0.11 27.11 4.28
CA GLN B 100 -1.39 27.61 3.83
C GLN B 100 -1.53 29.09 4.16
N ASN B 101 -0.44 29.72 4.53
CA ASN B 101 -0.38 31.18 4.64
C ASN B 101 -0.34 31.80 3.24
N PRO B 102 -1.27 32.72 2.94
CA PRO B 102 -1.26 33.31 1.61
C PRO B 102 -0.09 34.27 1.35
N ASP B 103 0.65 34.66 2.37
CA ASP B 103 1.89 35.39 2.16
C ASP B 103 3.11 34.48 1.87
N VAL B 104 2.89 33.16 1.81
CA VAL B 104 3.97 32.19 1.74
C VAL B 104 3.80 31.32 0.49
N PRO B 105 4.77 31.37 -0.45
CA PRO B 105 4.73 30.50 -1.62
C PRO B 105 4.96 29.06 -1.22
N LEU B 106 4.17 28.17 -1.81
CA LEU B 106 4.27 26.76 -1.51
C LEU B 106 4.76 26.12 -2.80
N VAL B 107 6.06 25.80 -2.88
CA VAL B 107 6.69 25.57 -4.17
C VAL B 107 7.34 24.20 -4.46
N VAL B 108 7.02 23.65 -5.62
CA VAL B 108 7.76 22.56 -6.26
C VAL B 108 8.39 23.25 -7.49
N PRO B 109 9.74 23.38 -7.54
CA PRO B 109 10.33 24.27 -8.58
C PRO B 109 10.03 23.93 -10.04
N GLU B 110 9.77 22.66 -10.33
CA GLU B 110 9.34 22.26 -11.67
C GLU B 110 7.92 22.70 -12.00
N VAL B 111 7.14 23.00 -10.98
CA VAL B 111 5.70 23.19 -11.19
C VAL B 111 5.36 24.68 -11.10
N ASN B 112 5.77 25.32 -10.01
CA ASN B 112 5.39 26.73 -9.76
C ASN B 112 6.52 27.60 -9.23
N ALA B 113 7.68 27.45 -9.85
CA ALA B 113 8.81 28.36 -9.65
C ALA B 113 8.40 29.83 -9.76
N HIS B 114 7.44 30.15 -10.63
CA HIS B 114 6.98 31.54 -10.76
C HIS B 114 6.51 32.15 -9.44
N ALA B 115 6.02 31.31 -8.53
CA ALA B 115 5.50 31.79 -7.24
C ALA B 115 6.60 32.31 -6.30
N LEU B 116 7.86 31.95 -6.57
CA LEU B 116 8.98 32.43 -5.76
C LEU B 116 9.22 33.94 -5.82
N ASP B 117 8.88 34.56 -6.94
CA ASP B 117 9.30 35.95 -7.21
C ASP B 117 8.73 36.94 -6.18
N ALA B 118 7.50 36.70 -5.76
CA ALA B 118 6.78 37.57 -4.81
C ALA B 118 6.89 37.12 -3.34
N HIS B 119 7.92 36.35 -3.00
CA HIS B 119 8.12 35.90 -1.60
C HIS B 119 8.36 37.03 -0.57
N ASN B 120 7.94 36.77 0.66
CA ASN B 120 8.13 37.69 1.77
C ASN B 120 9.08 37.17 2.83
N GLY B 121 9.97 36.28 2.43
CA GLY B 121 11.06 35.86 3.27
C GLY B 121 10.92 34.42 3.73
N ILE B 122 9.75 33.83 3.49
CA ILE B 122 9.54 32.42 3.80
C ILE B 122 8.94 31.74 2.58
N ILE B 123 9.60 30.67 2.11
CA ILE B 123 9.09 29.76 1.10
C ILE B 123 8.84 28.43 1.80
N ALA B 124 7.70 27.82 1.52
CA ALA B 124 7.36 26.52 2.13
C ALA B 124 7.54 25.41 1.12
N CYS B 125 8.17 24.34 1.58
CA CYS B 125 8.23 23.10 0.85
C CYS B 125 6.95 22.35 1.22
N PRO B 126 6.29 21.71 0.23
CA PRO B 126 5.10 20.94 0.56
C PRO B 126 5.40 19.61 1.25
N ASN B 127 4.32 18.89 1.57
CA ASN B 127 4.39 17.56 2.14
C ASN B 127 5.09 16.60 1.15
N CYS B 128 5.90 15.65 1.65
CA CYS B 128 6.62 14.73 0.76
C CYS B 128 5.68 14.01 -0.23
N SER B 129 4.61 13.40 0.28
CA SER B 129 3.65 12.70 -0.58
CA SER B 129 3.66 12.69 -0.58
C SER B 129 3.07 13.60 -1.65
N THR B 130 2.88 14.88 -1.32
CA THR B 130 2.31 15.81 -2.31
C THR B 130 3.29 16.10 -3.45
N ILE B 131 4.55 16.30 -3.10
CA ILE B 131 5.53 16.78 -4.03
C ILE B 131 5.69 15.79 -5.18
N GLN B 132 5.79 14.49 -4.87
CA GLN B 132 6.10 13.52 -5.92
C GLN B 132 4.90 13.41 -6.83
N MET B 133 3.71 13.59 -6.26
CA MET B 133 2.49 13.55 -7.04
C MET B 133 2.40 14.72 -8.00
N MET B 134 2.84 15.90 -7.57
CA MET B 134 2.83 17.11 -8.42
C MET B 134 3.78 16.96 -9.60
N VAL B 135 4.95 16.38 -9.30
CA VAL B 135 5.94 16.15 -10.36
C VAL B 135 5.39 15.23 -11.42
N ALA B 136 4.80 14.11 -11.00
CA ALA B 136 4.13 13.20 -11.92
C ALA B 136 2.94 13.78 -12.68
N LEU B 137 2.12 14.63 -12.05
CA LEU B 137 0.83 15.00 -12.65
C LEU B 137 0.84 16.32 -13.43
N GLU B 138 1.72 17.23 -13.06
CA GLU B 138 1.80 18.53 -13.72
C GLU B 138 1.94 18.41 -15.23
N PRO B 139 2.80 17.51 -15.74
CA PRO B 139 2.85 17.43 -17.20
C PRO B 139 1.55 16.95 -17.84
N VAL B 140 0.78 16.15 -17.13
CA VAL B 140 -0.53 15.71 -17.63
C VAL B 140 -1.53 16.86 -17.58
N ARG B 141 -1.59 17.56 -16.45
CA ARG B 141 -2.45 18.72 -16.26
C ARG B 141 -2.21 19.77 -17.36
N GLN B 142 -0.94 20.01 -17.70
CA GLN B 142 -0.56 20.97 -18.74
C GLN B 142 -1.20 20.70 -20.09
N LYS B 143 -1.36 19.42 -20.44
CA LYS B 143 -1.85 19.06 -21.75
C LYS B 143 -3.32 18.67 -21.80
N TRP B 144 -3.85 18.05 -20.74
CA TRP B 144 -5.23 17.53 -20.77
C TRP B 144 -6.12 17.92 -19.60
N GLY B 145 -5.58 18.68 -18.66
CA GLY B 145 -6.31 19.17 -17.51
C GLY B 145 -6.45 18.08 -16.46
N LEU B 146 -6.73 18.48 -15.23
CA LEU B 146 -7.06 17.53 -14.16
C LEU B 146 -8.37 17.90 -13.51
N ASP B 147 -9.32 16.96 -13.54
CA ASP B 147 -10.62 17.10 -12.92
C ASP B 147 -10.64 16.53 -11.50
N ARG B 148 -10.10 15.34 -11.32
CA ARG B 148 -10.05 14.77 -9.96
C ARG B 148 -8.84 13.86 -9.75
N ILE B 149 -8.49 13.63 -8.48
CA ILE B 149 -7.40 12.73 -8.10
C ILE B 149 -7.87 11.90 -6.92
N ILE B 150 -7.59 10.61 -6.98
CA ILE B 150 -7.75 9.69 -5.86
C ILE B 150 -6.42 9.01 -5.70
N VAL B 151 -5.85 9.11 -4.51
CA VAL B 151 -4.55 8.54 -4.25
C VAL B 151 -4.55 7.71 -2.96
N SER B 152 -3.87 6.56 -3.05
CA SER B 152 -3.60 5.73 -1.91
C SER B 152 -2.09 5.65 -1.77
N THR B 153 -1.57 6.04 -0.61
CA THR B 153 -0.13 6.04 -0.41
C THR B 153 0.39 4.82 0.33
N TYR B 154 1.67 4.55 0.05
CA TYR B 154 2.47 3.49 0.64
C TYR B 154 3.75 4.15 1.15
N GLN B 155 3.68 4.69 2.36
CA GLN B 155 4.67 5.65 2.85
C GLN B 155 5.68 5.03 3.78
N ALA B 156 6.93 5.35 3.50
CA ALA B 156 8.09 4.99 4.32
C ALA B 156 8.13 5.63 5.72
N VAL B 157 8.71 4.92 6.67
CA VAL B 157 8.72 5.36 8.07
C VAL B 157 9.68 6.51 8.33
N SER B 158 10.66 6.74 7.46
CA SER B 158 11.57 7.90 7.63
C SER B 158 10.84 9.23 7.61
N GLY B 159 9.65 9.24 7.01
CA GLY B 159 8.81 10.41 7.04
C GLY B 159 8.39 10.85 8.42
N ALA B 160 8.37 9.93 9.38
CA ALA B 160 8.03 10.28 10.75
C ALA B 160 9.28 10.54 11.61
N GLY B 161 10.44 10.62 10.98
CA GLY B 161 11.70 10.95 11.66
C GLY B 161 12.61 9.81 12.02
N MET B 162 13.80 10.20 12.49
CA MET B 162 14.86 9.24 12.78
C MET B 162 14.36 8.23 13.81
N GLY B 163 13.58 8.70 14.78
CA GLY B 163 13.15 7.82 15.88
C GLY B 163 12.28 6.70 15.34
N ALA B 164 11.41 7.05 14.39
CA ALA B 164 10.55 6.06 13.74
C ALA B 164 11.32 5.00 12.96
N ILE B 165 12.43 5.38 12.36
CA ILE B 165 13.24 4.42 11.59
C ILE B 165 13.80 3.37 12.59
N LEU B 166 14.37 3.87 13.66
CA LEU B 166 14.97 3.01 14.69
C LEU B 166 13.94 2.10 15.34
N GLU B 167 12.75 2.63 15.63
CA GLU B 167 11.67 1.82 16.17
C GLU B 167 11.27 0.69 15.23
N THR B 168 11.16 1.01 13.94
CA THR B 168 10.83 0.02 12.93
C THR B 168 11.91 -1.08 12.86
N GLN B 169 13.17 -0.68 12.90
CA GLN B 169 14.26 -1.68 12.79
C GLN B 169 14.28 -2.60 14.00
N ARG B 170 14.04 -2.02 15.17
CA ARG B 170 13.98 -2.78 16.40
C ARG B 170 12.83 -3.78 16.34
N GLU B 171 11.66 -3.31 15.94
CA GLU B 171 10.48 -4.19 15.86
C GLU B 171 10.72 -5.37 14.97
N LEU B 172 11.24 -5.11 13.78
CA LEU B 172 11.49 -6.16 12.80
C LEU B 172 12.46 -7.19 13.35
N ARG B 173 13.52 -6.72 14.01
CA ARG B 173 14.52 -7.61 14.59
CA ARG B 173 14.51 -7.63 14.56
C ARG B 173 13.91 -8.49 15.68
N GLU B 174 13.01 -7.92 16.49
CA GLU B 174 12.33 -8.71 17.53
C GLU B 174 11.48 -9.84 16.97
N VAL B 175 10.81 -9.59 15.86
CA VAL B 175 9.93 -10.60 15.25
C VAL B 175 10.79 -11.69 14.61
N LEU B 176 11.76 -11.26 13.81
CA LEU B 176 12.58 -12.17 13.01
C LEU B 176 13.62 -12.96 13.81
N ASN B 177 14.14 -12.36 14.86
CA ASN B 177 15.24 -12.94 15.65
C ASN B 177 14.81 -13.53 16.98
N ASP B 178 13.77 -12.97 17.59
CA ASP B 178 13.24 -13.43 18.89
C ASP B 178 11.89 -14.13 18.83
N GLY B 179 11.29 -14.16 17.64
CA GLY B 179 10.00 -14.82 17.46
C GLY B 179 8.81 -14.16 18.18
N VAL B 180 8.89 -12.86 18.43
CA VAL B 180 7.75 -12.10 18.93
C VAL B 180 6.69 -12.03 17.83
N LYS B 181 5.41 -12.20 18.20
CA LYS B 181 4.33 -11.98 17.23
C LYS B 181 4.17 -10.49 17.02
N PRO B 182 3.95 -10.03 15.78
CA PRO B 182 3.87 -8.58 15.59
C PRO B 182 2.84 -7.93 16.50
N CYS B 183 1.68 -8.58 16.67
CA CYS B 183 0.62 -7.98 17.46
C CYS B 183 0.95 -7.87 18.95
N ASP B 184 2.05 -8.50 19.40
CA ASP B 184 2.53 -8.37 20.80
C ASP B 184 3.67 -7.37 20.97
N LEU B 185 4.08 -6.71 19.90
CA LEU B 185 5.14 -5.71 19.97
C LEU B 185 4.72 -4.46 20.74
N HIS B 186 5.70 -3.85 21.41
CA HIS B 186 5.47 -2.56 22.06
C HIS B 186 5.96 -1.47 21.10
N ALA B 187 5.18 -0.42 20.96
CA ALA B 187 5.55 0.71 20.12
C ALA B 187 5.37 1.99 20.89
N GLU B 188 6.17 3.00 20.56
CA GLU B 188 6.12 4.29 21.23
C GLU B 188 6.01 5.50 20.28
N ILE B 189 6.23 5.32 18.98
CA ILE B 189 6.21 6.48 18.05
C ILE B 189 5.11 6.35 16.98
N LEU B 190 5.21 5.35 16.13
CA LEU B 190 4.20 5.20 15.08
C LEU B 190 2.82 4.81 15.65
N PRO B 191 1.74 5.18 14.95
CA PRO B 191 1.70 5.88 13.66
C PRO B 191 2.03 7.36 13.74
N SER B 192 1.78 7.99 14.89
CA SER B 192 2.08 9.42 15.05
C SER B 192 2.57 9.75 16.45
N GLY B 193 3.75 10.36 16.52
CA GLY B 193 4.41 10.60 17.78
C GLY B 193 3.54 11.33 18.77
N GLY B 194 2.83 12.34 18.27
CA GLY B 194 1.97 13.18 19.10
C GLY B 194 0.64 12.59 19.52
N ASP B 195 0.17 11.54 18.84
CA ASP B 195 -1.16 10.98 19.14
C ASP B 195 -1.09 10.06 20.38
N LYS B 196 -2.23 9.62 20.88
CA LYS B 196 -2.32 8.97 22.20
C LYS B 196 -1.85 7.54 22.23
N LYS B 197 -2.17 6.79 21.18
CA LYS B 197 -1.87 5.38 21.13
C LYS B 197 -0.89 5.07 20.02
N HIS B 198 -0.04 4.09 20.26
CA HIS B 198 1.03 3.72 19.34
C HIS B 198 0.88 2.27 18.99
N TYR B 199 1.20 1.91 17.74
CA TYR B 199 1.00 0.58 17.22
C TYR B 199 2.25 0.14 16.46
N PRO B 200 2.50 -1.16 16.41
CA PRO B 200 3.63 -1.70 15.63
C PRO B 200 3.42 -1.46 14.14
N ILE B 201 4.52 -1.24 13.43
CA ILE B 201 4.56 -1.14 11.96
C ILE B 201 5.18 -2.39 11.31
N ALA B 202 5.96 -3.18 12.08
CA ALA B 202 6.58 -4.40 11.55
C ALA B 202 5.49 -5.34 11.01
N PHE B 203 5.64 -5.75 9.76
CA PHE B 203 4.69 -6.65 9.10
C PHE B 203 3.24 -6.14 9.19
N ASN B 204 3.10 -4.83 9.18
CA ASN B 204 1.82 -4.18 9.28
C ASN B 204 1.63 -3.15 8.17
N ALA B 205 0.40 -2.63 8.04
CA ALA B 205 0.11 -1.46 7.23
C ALA B 205 -0.85 -0.60 8.07
N LEU B 206 -0.39 0.57 8.52
CA LEU B 206 -1.14 1.43 9.42
C LEU B 206 -1.79 2.57 8.64
N PRO B 207 -3.13 2.54 8.49
CA PRO B 207 -3.85 3.56 7.73
C PRO B 207 -4.00 4.84 8.54
N GLN B 208 -2.90 5.31 9.11
CA GLN B 208 -2.93 6.59 9.82
C GLN B 208 -1.57 7.25 9.69
N ILE B 209 -1.57 8.45 9.14
CA ILE B 209 -0.36 9.27 9.10
C ILE B 209 -0.79 10.63 9.58
N ASP B 210 -0.08 11.16 10.57
CA ASP B 210 -0.44 12.38 11.32
C ASP B 210 -1.70 12.09 12.11
N VAL B 211 -2.31 13.13 12.68
CA VAL B 211 -3.49 12.93 13.53
C VAL B 211 -4.77 13.09 12.75
N PHE B 212 -5.88 12.68 13.35
CA PHE B 212 -7.19 12.77 12.68
C PHE B 212 -7.71 14.18 12.74
N THR B 213 -8.34 14.62 11.66
CA THR B 213 -9.09 15.91 11.67
C THR B 213 -10.57 15.64 11.89
N ASP B 214 -11.33 16.73 12.08
CA ASP B 214 -12.77 16.65 12.32
C ASP B 214 -13.59 15.88 11.31
N ASN B 215 -13.10 15.75 10.07
CA ASN B 215 -13.84 15.06 9.03
C ASN B 215 -13.43 13.58 8.82
N ASP B 216 -12.57 13.08 9.69
CA ASP B 216 -12.21 11.65 9.73
C ASP B 216 -11.15 11.25 8.69
N TYR B 217 -10.63 12.27 8.00
CA TYR B 217 -9.40 12.16 7.21
C TYR B 217 -8.31 12.67 8.12
N THR B 218 -7.11 12.13 7.96
CA THR B 218 -5.98 12.54 8.78
C THR B 218 -5.47 13.86 8.21
N TYR B 219 -4.63 14.52 8.97
CA TYR B 219 -4.02 15.76 8.45
C TYR B 219 -3.14 15.49 7.23
N GLU B 220 -2.51 14.32 7.17
CA GLU B 220 -1.69 13.98 6.00
C GLU B 220 -2.54 13.98 4.75
N GLU B 221 -3.67 13.29 4.81
CA GLU B 221 -4.61 13.17 3.71
C GLU B 221 -5.11 14.56 3.28
N MET B 222 -5.53 15.35 4.27
CA MET B 222 -5.99 16.72 4.01
C MET B 222 -4.90 17.68 3.49
N LYS B 223 -3.67 17.50 3.93
CA LYS B 223 -2.52 18.25 3.36
C LYS B 223 -2.37 17.96 1.85
N MET B 224 -2.51 16.69 1.48
CA MET B 224 -2.47 16.33 0.06
C MET B 224 -3.54 17.06 -0.73
N THR B 225 -4.72 17.18 -0.13
CA THR B 225 -5.82 17.84 -0.80
C THR B 225 -5.53 19.34 -0.93
N LYS B 226 -5.24 19.99 0.19
CA LYS B 226 -5.11 21.45 0.18
C LYS B 226 -3.83 21.92 -0.51
N GLU B 227 -2.74 21.20 -0.29
CA GLU B 227 -1.48 21.56 -0.94
C GLU B 227 -1.53 21.45 -2.45
N THR B 228 -2.20 20.42 -2.97
CA THR B 228 -2.36 20.26 -4.41
C THR B 228 -3.02 21.47 -5.03
N LYS B 229 -4.09 21.92 -4.39
CA LYS B 229 -4.86 23.02 -4.88
C LYS B 229 -4.06 24.32 -4.94
N LYS B 230 -3.23 24.56 -3.94
CA LYS B 230 -2.43 25.78 -3.89
C LYS B 230 -1.28 25.72 -4.91
N ILE B 231 -0.57 24.59 -4.97
CA ILE B 231 0.53 24.40 -5.91
C ILE B 231 0.08 24.54 -7.35
N MET B 232 -0.99 23.83 -7.73
CA MET B 232 -1.52 23.91 -9.08
C MET B 232 -2.44 25.10 -9.32
N GLU B 233 -2.67 25.91 -8.28
CA GLU B 233 -3.47 27.14 -8.39
C GLU B 233 -4.81 26.85 -9.05
N ASP B 234 -5.50 25.87 -8.51
CA ASP B 234 -6.80 25.48 -9.02
C ASP B 234 -7.58 24.77 -7.93
N ASP B 235 -8.49 25.51 -7.28
CA ASP B 235 -9.27 24.96 -6.18
C ASP B 235 -10.35 24.00 -6.67
N SER B 236 -10.52 23.91 -7.98
CA SER B 236 -11.54 23.05 -8.54
C SER B 236 -11.09 21.60 -8.73
N ILE B 237 -9.81 21.30 -8.48
CA ILE B 237 -9.34 19.93 -8.62
C ILE B 237 -9.82 19.15 -7.39
N ALA B 238 -10.67 18.15 -7.63
CA ALA B 238 -11.13 17.26 -6.59
C ALA B 238 -10.01 16.33 -6.13
N VAL B 239 -9.67 16.34 -4.84
CA VAL B 239 -8.58 15.48 -4.31
C VAL B 239 -8.97 14.78 -3.00
N SER B 240 -9.00 13.44 -3.04
CA SER B 240 -9.21 12.63 -1.83
C SER B 240 -8.08 11.59 -1.68
N ALA B 241 -7.60 11.41 -0.46
CA ALA B 241 -6.41 10.58 -0.19
C ALA B 241 -6.66 9.60 0.94
N THR B 242 -5.95 8.48 0.86
CA THR B 242 -5.79 7.55 1.95
C THR B 242 -4.29 7.36 2.13
N CYS B 243 -3.77 7.72 3.30
CA CYS B 243 -2.34 7.71 3.55
C CYS B 243 -2.01 6.59 4.52
N VAL B 244 -1.11 5.67 4.09
CA VAL B 244 -0.86 4.45 4.82
C VAL B 244 0.64 4.28 5.03
N ARG B 245 1.02 3.96 6.27
CA ARG B 245 2.43 3.65 6.55
C ARG B 245 2.68 2.18 6.35
N ILE B 246 3.76 1.84 5.62
CA ILE B 246 4.15 0.45 5.44
C ILE B 246 5.60 0.25 5.89
N PRO B 247 6.02 -1.01 6.05
CA PRO B 247 7.38 -1.27 6.56
C PRO B 247 8.47 -1.11 5.48
N VAL B 248 8.68 0.15 5.09
CA VAL B 248 9.72 0.58 4.19
C VAL B 248 10.40 1.74 4.92
N LEU B 249 11.73 1.77 4.91
CA LEU B 249 12.47 2.84 5.61
C LEU B 249 12.52 4.10 4.78
N SER B 250 12.80 3.97 3.48
CA SER B 250 12.98 5.13 2.60
C SER B 250 12.25 4.90 1.29
N ALA B 251 11.57 5.96 0.84
CA ALA B 251 10.92 6.11 -0.47
C ALA B 251 9.43 5.85 -0.35
N HIS B 252 8.64 6.87 -0.69
CA HIS B 252 7.19 6.72 -0.74
C HIS B 252 6.75 6.21 -2.08
N SER B 253 5.75 5.33 -2.08
CA SER B 253 5.04 4.91 -3.31
C SER B 253 3.58 5.35 -3.26
N GLU B 254 2.99 5.65 -4.41
CA GLU B 254 1.59 6.14 -4.47
C GLU B 254 0.85 5.49 -5.64
N SER B 255 -0.31 4.91 -5.36
CA SER B 255 -1.23 4.48 -6.42
C SER B 255 -2.13 5.66 -6.71
N VAL B 256 -1.96 6.24 -7.90
CA VAL B 256 -2.66 7.50 -8.25
C VAL B 256 -3.69 7.22 -9.35
N TYR B 257 -4.92 7.68 -9.13
CA TYR B 257 -5.95 7.69 -10.14
C TYR B 257 -6.33 9.12 -10.45
N ILE B 258 -6.32 9.45 -11.73
CA ILE B 258 -6.79 10.75 -12.16
C ILE B 258 -7.90 10.62 -13.19
N GLU B 259 -8.72 11.66 -13.26
CA GLU B 259 -9.53 11.92 -14.41
C GLU B 259 -9.13 13.30 -14.93
N THR B 260 -8.81 13.31 -16.21
CA THR B 260 -8.39 14.50 -16.91
C THR B 260 -9.61 15.24 -17.48
N LYS B 261 -9.42 16.46 -17.94
CA LYS B 261 -10.51 17.20 -18.58
C LYS B 261 -10.77 16.76 -20.02
N GLU B 262 -9.72 16.42 -20.72
CA GLU B 262 -9.83 15.88 -22.07
C GLU B 262 -9.13 14.53 -22.09
N VAL B 263 -9.57 13.65 -23.00
CA VAL B 263 -9.01 12.30 -23.07
C VAL B 263 -7.54 12.35 -23.43
N ALA B 264 -6.73 11.62 -22.68
CA ALA B 264 -5.27 11.63 -22.84
C ALA B 264 -4.76 10.29 -23.34
N PRO B 265 -4.36 10.22 -24.63
CA PRO B 265 -3.81 8.97 -25.12
C PRO B 265 -2.62 8.53 -24.26
N ILE B 266 -2.63 7.27 -23.85
CA ILE B 266 -1.66 6.80 -22.87
C ILE B 266 -0.21 6.95 -23.36
N GLU B 267 0.04 6.67 -24.64
CA GLU B 267 1.41 6.82 -25.14
C GLU B 267 1.86 8.30 -25.04
N GLU B 268 0.95 9.23 -25.28
CA GLU B 268 1.25 10.65 -25.13
C GLU B 268 1.44 11.02 -23.66
N VAL B 269 0.69 10.36 -22.78
CA VAL B 269 0.83 10.61 -21.33
C VAL B 269 2.24 10.21 -20.89
N LYS B 270 2.69 9.03 -21.36
CA LYS B 270 4.03 8.50 -21.07
C LYS B 270 5.13 9.46 -21.53
N ALA B 271 5.02 9.86 -22.79
CA ALA B 271 5.93 10.82 -23.38
C ALA B 271 5.98 12.16 -22.65
N ALA B 272 4.83 12.70 -22.26
CA ALA B 272 4.81 13.96 -21.52
C ALA B 272 5.55 13.85 -20.19
N ILE B 273 5.35 12.75 -19.50
CA ILE B 273 5.93 12.59 -18.17
C ILE B 273 7.43 12.38 -18.33
N ALA B 274 7.83 11.54 -19.28
CA ALA B 274 9.24 11.33 -19.58
C ALA B 274 9.94 12.66 -19.86
N ALA B 275 9.26 13.58 -20.56
CA ALA B 275 9.83 14.88 -20.93
C ALA B 275 9.83 15.96 -19.85
N PHE B 276 9.12 15.70 -18.75
CA PHE B 276 8.97 16.68 -17.69
C PHE B 276 10.18 16.63 -16.76
N PRO B 277 10.84 17.77 -16.55
CA PRO B 277 11.98 17.78 -15.63
C PRO B 277 11.64 17.29 -14.20
N GLY B 278 12.48 16.40 -13.69
CA GLY B 278 12.31 15.80 -12.36
C GLY B 278 11.54 14.49 -12.36
N ALA B 279 10.86 14.20 -13.46
CA ALA B 279 10.11 12.94 -13.62
C ALA B 279 10.82 12.01 -14.58
N VAL B 280 10.92 10.74 -14.18
CA VAL B 280 11.54 9.72 -15.03
C VAL B 280 10.50 8.64 -15.28
N LEU B 281 10.28 8.34 -16.55
CA LEU B 281 9.39 7.24 -16.92
C LEU B 281 10.11 5.92 -16.73
N GLU B 282 9.55 5.05 -15.89
CA GLU B 282 10.01 3.67 -15.73
C GLU B 282 8.81 2.79 -16.00
N ASP B 283 8.60 2.45 -17.26
CA ASP B 283 7.32 1.86 -17.65
C ASP B 283 7.54 1.03 -18.90
N ASP B 284 7.76 -0.25 -18.66
CA ASP B 284 7.96 -1.24 -19.70
C ASP B 284 7.49 -2.58 -19.10
N VAL B 285 6.18 -2.80 -19.07
CA VAL B 285 5.70 -4.00 -18.39
C VAL B 285 6.11 -5.30 -19.07
N ALA B 286 6.42 -5.26 -20.37
CA ALA B 286 6.88 -6.47 -21.04
C ALA B 286 8.17 -7.01 -20.44
N HIS B 287 8.98 -6.14 -19.83
CA HIS B 287 10.16 -6.53 -19.09
C HIS B 287 10.01 -6.26 -17.58
N GLN B 288 8.78 -6.15 -17.12
CA GLN B 288 8.49 -5.89 -15.69
C GLN B 288 9.28 -4.71 -15.12
N ILE B 289 9.28 -3.62 -15.88
CA ILE B 289 9.92 -2.39 -15.45
C ILE B 289 8.84 -1.47 -14.88
N TYR B 290 9.02 -1.06 -13.64
CA TYR B 290 8.10 -0.13 -12.97
C TYR B 290 8.85 0.48 -11.81
N PRO B 291 8.37 1.63 -11.27
CA PRO B 291 9.10 2.25 -10.17
C PRO B 291 9.14 1.32 -8.95
N GLN B 292 10.25 1.33 -8.22
CA GLN B 292 10.36 0.53 -6.98
C GLN B 292 11.02 1.35 -5.93
N ALA B 293 10.45 1.37 -4.70
CA ALA B 293 11.00 2.14 -3.58
C ALA B 293 12.51 1.89 -3.44
N ILE B 294 12.91 0.63 -3.47
CA ILE B 294 14.33 0.34 -3.25
C ILE B 294 15.26 0.87 -4.35
N ASN B 295 14.75 1.06 -5.54
CA ASN B 295 15.51 1.66 -6.62
C ASN B 295 15.55 3.17 -6.57
N ALA B 296 14.55 3.79 -5.94
CA ALA B 296 14.39 5.24 -5.91
C ALA B 296 15.28 5.84 -4.83
N VAL B 297 15.56 5.05 -3.78
CA VAL B 297 16.34 5.56 -2.68
C VAL B 297 17.64 6.15 -3.20
N GLY B 298 17.93 7.37 -2.76
CA GLY B 298 19.16 8.02 -3.15
C GLY B 298 19.08 8.88 -4.41
N SER B 299 18.00 8.79 -5.17
CA SER B 299 17.84 9.62 -6.39
C SER B 299 16.95 10.85 -6.12
N ARG B 300 17.31 11.96 -6.77
CA ARG B 300 16.47 13.16 -6.75
C ARG B 300 15.25 13.05 -7.63
N ASP B 301 15.22 12.05 -8.50
CA ASP B 301 14.15 11.96 -9.49
C ASP B 301 12.91 11.33 -8.87
N THR B 302 11.78 11.58 -9.52
CA THR B 302 10.52 10.94 -9.21
C THR B 302 10.24 9.99 -10.35
N PHE B 303 9.91 8.75 -10.04
CA PHE B 303 9.73 7.71 -11.04
C PHE B 303 8.28 7.31 -11.19
N VAL B 304 7.84 7.18 -12.43
CA VAL B 304 6.44 6.95 -12.75
C VAL B 304 6.29 5.76 -13.68
N GLY B 305 5.33 4.89 -13.35
CA GLY B 305 5.06 3.75 -14.19
C GLY B 305 3.69 3.18 -13.93
N ARG B 306 3.47 1.97 -14.41
CA ARG B 306 2.14 1.33 -14.41
C ARG B 306 1.07 2.23 -15.06
N ILE B 307 1.43 3.04 -16.07
CA ILE B 307 0.50 3.98 -16.62
C ILE B 307 -0.50 3.27 -17.53
N ARG B 308 -1.77 3.46 -17.26
CA ARG B 308 -2.84 2.74 -17.96
C ARG B 308 -4.20 3.42 -17.81
N LYS B 309 -5.02 3.32 -18.88
CA LYS B 309 -6.43 3.75 -18.85
C LYS B 309 -7.23 2.98 -17.78
N ASP B 310 -8.17 3.66 -17.16
CA ASP B 310 -9.22 2.98 -16.40
C ASP B 310 -9.93 2.00 -17.35
N LEU B 311 -10.41 0.90 -16.82
CA LEU B 311 -11.16 -0.05 -17.63
C LEU B 311 -12.52 0.48 -18.07
N ASP B 312 -13.03 1.52 -17.41
CA ASP B 312 -14.41 2.01 -17.64
C ASP B 312 -14.55 3.53 -17.85
N ALA B 313 -13.85 4.34 -17.05
CA ALA B 313 -13.92 5.79 -17.14
C ALA B 313 -13.12 6.28 -18.35
N GLU B 314 -13.80 6.90 -19.29
CA GLU B 314 -13.18 7.41 -20.52
C GLU B 314 -11.88 8.19 -20.26
N LYS B 315 -11.92 9.09 -19.30
CA LYS B 315 -10.80 10.01 -19.04
C LYS B 315 -9.95 9.56 -17.83
N GLY B 316 -10.22 8.36 -17.33
CA GLY B 316 -9.50 7.84 -16.18
C GLY B 316 -8.17 7.22 -16.56
N ILE B 317 -7.18 7.49 -15.70
CA ILE B 317 -5.82 6.94 -15.84
C ILE B 317 -5.32 6.56 -14.44
N HIS B 318 -4.66 5.41 -14.37
CA HIS B 318 -3.99 4.95 -13.17
C HIS B 318 -2.48 4.98 -13.36
N MET B 319 -1.73 5.21 -12.29
CA MET B 319 -0.28 5.13 -12.35
C MET B 319 0.31 4.87 -10.97
N TRP B 320 1.62 4.61 -10.95
CA TRP B 320 2.37 4.27 -9.76
C TRP B 320 3.54 5.26 -9.74
N VAL B 321 3.68 6.01 -8.65
CA VAL B 321 4.66 7.10 -8.52
C VAL B 321 5.48 6.85 -7.28
N VAL B 322 6.81 6.88 -7.43
CA VAL B 322 7.77 6.58 -6.35
C VAL B 322 8.85 7.66 -6.33
N SER B 323 9.21 8.10 -5.13
CA SER B 323 10.37 8.98 -4.95
C SER B 323 10.89 8.84 -3.53
N ASP B 324 12.17 9.12 -3.36
CA ASP B 324 12.79 9.16 -2.04
C ASP B 324 12.19 10.33 -1.25
N ASN B 325 11.57 10.03 -0.11
CA ASN B 325 10.81 11.02 0.67
C ASN B 325 11.70 12.05 1.39
N LEU B 326 12.96 11.71 1.57
CA LEU B 326 13.90 12.63 2.19
C LEU B 326 14.63 13.52 1.18
N LEU B 327 14.57 13.16 -0.11
CA LEU B 327 15.25 13.92 -1.18
C LEU B 327 14.21 14.78 -1.86
N LYS B 328 13.61 14.34 -2.97
CA LYS B 328 12.59 15.19 -3.58
C LYS B 328 11.48 15.51 -2.60
N GLY B 329 11.17 14.57 -1.69
CA GLY B 329 10.13 14.80 -0.71
C GLY B 329 10.48 15.82 0.35
N ALA B 330 11.77 16.12 0.53
CA ALA B 330 12.15 17.06 1.56
C ALA B 330 13.42 17.84 1.23
N ALA B 331 14.59 17.24 1.44
CA ALA B 331 15.85 17.99 1.43
C ALA B 331 16.23 18.52 0.04
N TRP B 332 15.96 17.71 -0.98
CA TRP B 332 16.27 18.12 -2.37
C TRP B 332 15.29 19.18 -2.87
N ASN B 333 13.99 19.01 -2.62
CA ASN B 333 13.10 20.10 -2.95
C ASN B 333 13.56 21.44 -2.34
N SER B 334 14.01 21.38 -1.10
CA SER B 334 14.44 22.61 -0.41
C SER B 334 15.70 23.22 -1.00
N VAL B 335 16.71 22.40 -1.25
CA VAL B 335 17.97 22.87 -1.80
C VAL B 335 17.70 23.40 -3.21
N GLN B 336 16.84 22.69 -3.93
CA GLN B 336 16.45 23.11 -5.25
C GLN B 336 15.72 24.46 -5.25
N ILE B 337 14.85 24.71 -4.26
CA ILE B 337 14.31 26.04 -4.06
C ILE B 337 15.44 27.04 -3.78
N ALA B 338 16.37 26.69 -2.92
CA ALA B 338 17.48 27.64 -2.62
C ALA B 338 18.29 27.97 -3.87
N GLU B 339 18.59 26.94 -4.67
CA GLU B 339 19.23 27.17 -5.96
C GLU B 339 18.41 28.04 -6.91
N THR B 340 17.09 27.82 -7.01
CA THR B 340 16.22 28.64 -7.85
C THR B 340 16.16 30.08 -7.32
N LEU B 341 16.08 30.23 -6.00
CA LEU B 341 16.16 31.57 -5.41
C LEU B 341 17.45 32.28 -5.83
N HIS B 342 18.59 31.58 -5.75
CA HIS B 342 19.84 32.17 -6.21
C HIS B 342 19.79 32.57 -7.69
N GLU B 343 19.31 31.65 -8.53
CA GLU B 343 19.20 31.89 -9.98
C GLU B 343 18.44 33.14 -10.32
N ARG B 344 17.38 33.39 -9.55
CA ARG B 344 16.47 34.46 -9.85
C ARG B 344 16.76 35.73 -9.08
N GLY B 345 17.90 35.78 -8.40
CA GLY B 345 18.30 36.99 -7.66
C GLY B 345 17.38 37.31 -6.50
N LEU B 346 16.84 36.27 -5.86
CA LEU B 346 15.82 36.41 -4.80
C LEU B 346 16.32 36.17 -3.39
N VAL B 347 17.64 35.94 -3.25
CA VAL B 347 18.24 35.78 -1.93
C VAL B 347 18.69 37.17 -1.46
N ARG B 348 17.76 37.85 -0.78
CA ARG B 348 17.99 39.20 -0.22
C ARG B 348 16.99 39.46 0.90
N PRO B 349 17.32 40.37 1.84
CA PRO B 349 16.38 40.66 2.90
C PRO B 349 15.04 41.15 2.39
N THR B 350 13.99 40.90 3.17
CA THR B 350 12.65 41.37 2.85
C THR B 350 12.36 42.63 3.68
N ALA B 351 11.95 43.72 3.04
CA ALA B 351 11.64 44.98 3.74
C ALA B 351 10.42 44.83 4.65
N GLU B 352 9.30 44.45 4.04
CA GLU B 352 8.02 44.29 4.74
C GLU B 352 8.01 43.06 5.62
N LEU B 353 7.85 43.24 6.93
CA LEU B 353 7.68 42.11 7.86
C LEU B 353 6.22 41.69 7.90
N LYS B 354 5.94 40.42 7.61
CA LYS B 354 4.57 39.94 7.51
C LYS B 354 4.23 38.80 8.47
N PHE B 355 5.16 38.41 9.32
CA PHE B 355 5.01 37.25 10.18
C PHE B 355 5.20 37.64 11.66
N GLU B 356 4.18 37.37 12.48
CA GLU B 356 4.16 37.84 13.87
C GLU B 356 5.21 37.14 14.71
N LEU B 357 6.01 37.93 15.43
CA LEU B 357 7.03 37.41 16.31
C LEU B 357 6.38 36.70 17.50
N LYS B 358 6.89 35.51 17.82
CA LYS B 358 6.34 34.68 18.88
C LYS B 358 7.35 34.49 20.03
#